data_7G7C
#
_entry.id   7G7C
#
_cell.length_a   83.439
_cell.length_b   91.033
_cell.length_c   117.682
_cell.angle_alpha   90.000
_cell.angle_beta   90.000
_cell.angle_gamma   90.000
#
_symmetry.space_group_name_H-M   'P 21 21 21'
#
loop_
_entity.id
_entity.type
_entity.pdbx_description
1 polymer 'Isoform 2 of Ectonucleotide pyrophosphatase/phosphodiesterase family member 2'
2 branched alpha-D-mannopyranose-(1-2)-alpha-D-mannopyranose-(1-3)-alpha-D-mannopyranose-(1-6)-[alpha-D-mannopyranose-(1-2)-alpha-D-mannopyranose-(1-3)]beta-D-mannopyranose-(1-4)-2-acetamido-2-deoxy-beta-D-glucopyranose-(1-4)-2-acetamido-2-deoxy-beta-D-glucopyranose
3 non-polymer "4-{(1P)-5'-chloro-6-fluoro-4'-methyl-2'-[(4-methyl-5-oxo-4,5-dihydro-1H-1,2,4-triazol-3-yl)methoxy][1,1'-biphenyl]-3-carbonyl}-1-methylpiperazin-2-one"
4 non-polymer 'CHLORIDE ION'
5 non-polymer 'ACETATE ION'
6 non-polymer 'POTASSIUM ION'
7 non-polymer 'CALCIUM ION'
8 non-polymer 'ZINC ION'
9 non-polymer 'SODIUM ION'
10 water water
#
_entity_poly.entity_id   1
_entity_poly.type   'polypeptide(L)'
_entity_poly.pdbx_seq_one_letter_code
;FTASRIKRAEWDEGPPTVLSDSPWTATSGSCKGRCFELQEVGPPDCRCDNLCKSYSSCCHDFDELCLKTARGWECTKDRC
GEVRNEENACHCSEDCLSRGDCCTNYQVVCKGESHWVDDDCEEIKVPECPAGFVRPPLIIFSVDGFRASYMKKGSKVMPN
IEKLRSCGTHAPYMRPVYPTKTFPNLYTLATGLYPESHGIVGNSMYDPVFDASFHLRGREKFNHRWWGGQPLWITATKQG
VRAGTFFWSVSIPHERRILTILQWLSLPDNERPSVYAFYSEQPDFSGHKYGPFGPEMTNPLREIDKTVGQLMDGLKQLRL
HRCVNVIFVGDHGMEDVTCDRTEFLSNYLTNVDDITLVPGTLGRIRAKSINNSKYDPKTIIAALTCKKPDQHFKPYMKQH
LPKRLHYANNRRIEDIHLLVDRRWHVARKPLDVYKKPSGKCFFQGDHGFDNKVNSMQTVFVGYGPTFKYRTKVPPFENIE
LYNVMCDLLGLKPAPNNGTHGSLNHLLRTNTFRPTMPDEVSRPNYPGIMYLQSEFDLGCTCDDKVEPKNKLEELNKRLHT
KGSTKERHLLYGRPAVLYRTSYDILYHTDFESGYSEIFLMPLWTSYTISKQAEVSSIPEHLTNCVRPDVRVSPGFSQNCL
AYKNDKQMSYGFLFPPYLSSSPEAKYDAFLVTNMVPMYPAFKRVWAYFQRVLVKKYASERNGVNVISGPIFDYNYDGLRD
TEDEIKQYVEGSSIPVPTHYYSIITSCLDFTQPADKCDGPLSVSSFILPHRPDNDESCNSSEDESKWVEELMKMHTARVR
DIEHLTGLDFYRKTSRSYSEILTLKTYLHTYESEIGGRHHHHHHHH
;
_entity_poly.pdbx_strand_id   A
#
loop_
_chem_comp.id
_chem_comp.type
_chem_comp.name
_chem_comp.formula
ACT non-polymer 'ACETATE ION' 'C2 H3 O2 -1'
BMA D-saccharide, beta linking beta-D-mannopyranose 'C6 H12 O6'
CA non-polymer 'CALCIUM ION' 'Ca 2'
CL non-polymer 'CHLORIDE ION' 'Cl -1'
K non-polymer 'POTASSIUM ION' 'K 1'
MAN D-saccharide, alpha linking alpha-D-mannopyranose 'C6 H12 O6'
NA non-polymer 'SODIUM ION' 'Na 1'
NAG D-saccharide, beta linking 2-acetamido-2-deoxy-beta-D-glucopyranose 'C8 H15 N O6'
Y1K non-polymer 4-{(1P)-5'-chloro-6-fluoro-4'-methyl-2'-[(4-methyl-5-oxo-4,5-dihydro-1H-1,2,4-triazol-3-yl)methoxy][1,1'-biphenyl]-3-carbonyl}-1-methylpiperazin-2-one 'C23 H23 Cl F N5 O4'
ZN non-polymer 'ZINC ION' 'Zn 2'
#
# COMPACT_ATOMS: atom_id res chain seq x y z
N SER A 28 -7.00 -23.75 39.12
CA SER A 28 -7.18 -23.80 40.60
C SER A 28 -6.66 -22.56 41.33
N GLY A 29 -5.64 -21.91 40.74
CA GLY A 29 -5.06 -20.66 41.26
C GLY A 29 -6.04 -19.49 41.24
N SER A 30 -5.56 -18.29 41.53
CA SER A 30 -6.47 -17.16 41.71
C SER A 30 -6.10 -15.92 40.89
N CYS A 31 -7.14 -15.18 40.46
CA CYS A 31 -6.98 -13.93 39.70
C CYS A 31 -6.96 -12.69 40.58
N LYS A 32 -7.21 -12.88 41.88
CA LYS A 32 -7.18 -11.78 42.86
C LYS A 32 -5.94 -10.89 42.66
N GLY A 33 -6.21 -9.60 42.43
CA GLY A 33 -5.16 -8.60 42.18
C GLY A 33 -4.34 -8.77 40.91
N ARG A 34 -4.74 -9.69 40.03
CA ARG A 34 -3.98 -9.93 38.80
C ARG A 34 -4.81 -9.74 37.53
N CYS A 35 -5.93 -9.01 37.63
CA CYS A 35 -6.89 -8.92 36.51
C CYS A 35 -6.27 -8.26 35.28
N PHE A 36 -6.38 -8.92 34.12
CA PHE A 36 -5.77 -8.44 32.89
C PHE A 36 -4.31 -8.09 33.14
N GLU A 37 -3.58 -9.06 33.67
CA GLU A 37 -2.14 -8.94 33.83
C GLU A 37 -1.51 -8.84 32.45
N LEU A 38 -0.55 -7.94 32.33
CA LEU A 38 0.15 -7.68 31.06
C LEU A 38 1.13 -8.80 30.72
N GLN A 39 1.93 -9.24 31.70
CA GLN A 39 2.78 -10.43 31.54
C GLN A 39 1.97 -11.70 31.71
N GLU A 40 2.07 -12.56 30.71
CA GLU A 40 1.27 -13.76 30.64
C GLU A 40 2.00 -14.97 31.28
N VAL A 41 1.42 -15.54 32.34
CA VAL A 41 2.08 -16.64 33.10
C VAL A 41 2.04 -18.01 32.40
N GLY A 42 3.12 -18.77 32.61
CA GLY A 42 3.27 -20.10 32.02
C GLY A 42 2.35 -21.10 32.66
N PRO A 43 1.47 -21.75 31.86
CA PRO A 43 0.69 -22.90 32.35
C PRO A 43 1.61 -24.05 32.86
N PRO A 44 1.07 -25.01 33.64
CA PRO A 44 -0.30 -25.04 34.20
C PRO A 44 -0.60 -24.13 35.43
N ASP A 45 0.10 -22.99 35.58
CA ASP A 45 -0.43 -21.88 36.41
C ASP A 45 -1.53 -21.17 35.61
N CYS A 46 -2.69 -20.96 36.23
CA CYS A 46 -3.82 -20.36 35.52
C CYS A 46 -3.57 -18.89 35.16
N ARG A 47 -4.18 -18.46 34.06
CA ARG A 47 -3.90 -17.15 33.48
C ARG A 47 -5.07 -16.20 33.68
N CYS A 48 -4.74 -14.98 34.10
CA CYS A 48 -5.71 -13.89 34.23
C CYS A 48 -5.52 -12.80 33.16
N ASP A 49 -4.59 -13.06 32.24
CA ASP A 49 -4.37 -12.18 31.09
C ASP A 49 -5.58 -12.25 30.16
N ASN A 50 -5.71 -11.24 29.31
CA ASN A 50 -6.78 -11.15 28.33
C ASN A 50 -7.05 -12.47 27.59
N LEU A 51 -5.98 -13.05 27.07
CA LEU A 51 -6.04 -14.20 26.18
C LEU A 51 -6.37 -15.56 26.84
N CYS A 52 -6.60 -15.56 28.16
CA CYS A 52 -6.94 -16.80 28.90
C CYS A 52 -8.22 -17.48 28.38
N LYS A 53 -9.21 -16.68 27.99
CA LYS A 53 -10.48 -17.17 27.42
C LYS A 53 -10.23 -17.87 26.09
N SER A 54 -9.44 -17.22 25.24
CA SER A 54 -9.03 -17.75 23.92
C SER A 54 -8.20 -19.05 24.01
N TYR A 55 -7.81 -19.45 25.22
CA TYR A 55 -7.02 -20.68 25.43
C TYR A 55 -7.65 -21.65 26.45
N SER A 56 -8.86 -21.33 26.95
CA SER A 56 -9.55 -22.14 27.98
C SER A 56 -8.80 -22.23 29.33
N SER A 57 -7.98 -21.23 29.64
CA SER A 57 -7.00 -21.34 30.75
C SER A 57 -7.18 -20.32 31.88
N CYS A 58 -8.36 -19.73 31.99
CA CYS A 58 -8.61 -18.70 33.00
C CYS A 58 -8.73 -19.32 34.38
N CYS A 59 -8.22 -18.63 35.39
CA CYS A 59 -8.43 -19.03 36.78
C CYS A 59 -9.93 -19.07 37.05
N HIS A 60 -10.33 -19.93 37.98
CA HIS A 60 -11.73 -20.17 38.29
C HIS A 60 -12.52 -18.89 38.54
N ASP A 61 -11.86 -17.92 39.18
CA ASP A 61 -12.51 -16.66 39.59
C ASP A 61 -12.31 -15.49 38.61
N PHE A 62 -11.79 -15.79 37.42
CA PHE A 62 -11.65 -14.77 36.38
C PHE A 62 -12.93 -13.98 36.13
N ASP A 63 -14.03 -14.65 35.78
CA ASP A 63 -15.27 -13.94 35.50
C ASP A 63 -15.69 -13.11 36.69
N GLU A 64 -15.66 -13.72 37.88
CA GLU A 64 -16.15 -13.02 39.06
C GLU A 64 -15.30 -11.77 39.37
N LEU A 65 -13.98 -11.91 39.25
CA LEU A 65 -13.08 -10.80 39.62
C LEU A 65 -12.81 -9.81 38.52
N CYS A 66 -12.61 -10.30 37.30
CA CYS A 66 -12.17 -9.48 36.16
C CYS A 66 -13.28 -9.01 35.21
N LEU A 67 -14.44 -9.68 35.23
CA LEU A 67 -15.56 -9.29 34.37
C LEU A 67 -16.81 -8.90 35.16
N LYS A 68 -16.62 -8.15 36.22
CA LYS A 68 -17.73 -7.55 36.97
C LYS A 68 -18.64 -6.75 36.08
N THR A 69 -19.94 -6.81 36.35
CA THR A 69 -20.95 -6.17 35.53
C THR A 69 -22.03 -5.53 36.41
N ALA A 70 -22.04 -5.90 37.69
CA ALA A 70 -23.05 -5.41 38.63
C ALA A 70 -23.24 -3.91 38.54
N ARG A 71 -24.50 -3.54 38.36
CA ARG A 71 -25.00 -2.16 38.31
C ARG A 71 -24.63 -1.40 37.03
N GLY A 72 -24.17 -2.13 36.01
CA GLY A 72 -23.89 -1.54 34.70
C GLY A 72 -22.70 -0.56 34.65
N TRP A 73 -22.77 0.35 33.69
CA TRP A 73 -21.58 1.04 33.24
C TRP A 73 -21.59 2.52 33.46
N GLU A 74 -22.63 3.03 34.11
CA GLU A 74 -22.78 4.47 34.32
C GLU A 74 -23.08 4.83 35.77
N CYS A 75 -22.57 5.96 36.24
CA CYS A 75 -23.02 6.53 37.52
C CYS A 75 -24.39 7.14 37.33
N THR A 76 -25.13 7.21 38.43
CA THR A 76 -26.43 7.88 38.49
C THR A 76 -26.39 8.79 39.71
N LYS A 77 -27.30 9.77 39.77
CA LYS A 77 -27.33 10.76 40.86
C LYS A 77 -27.26 10.13 42.25
N ASP A 78 -28.00 9.04 42.45
CA ASP A 78 -28.00 8.34 43.74
C ASP A 78 -26.72 7.60 44.11
N ARG A 79 -25.90 7.20 43.12
CA ARG A 79 -24.63 6.51 43.41
C ARG A 79 -23.49 7.44 43.83
N CYS A 80 -23.67 8.75 43.68
CA CYS A 80 -22.58 9.67 43.97
C CYS A 80 -22.12 9.55 45.42
N GLY A 81 -20.81 9.47 45.62
CA GLY A 81 -20.22 9.37 46.94
C GLY A 81 -20.58 8.11 47.73
N GLU A 82 -21.17 7.12 47.07
CA GLU A 82 -21.43 5.82 47.67
C GLU A 82 -20.22 5.26 48.41
N VAL A 83 -20.47 4.28 49.27
CA VAL A 83 -19.38 3.52 49.87
C VAL A 83 -18.95 2.51 48.79
N ARG A 84 -17.65 2.43 48.56
CA ARG A 84 -17.10 1.51 47.58
C ARG A 84 -17.55 0.07 47.80
N ASN A 85 -18.20 -0.48 46.77
CA ASN A 85 -18.65 -1.85 46.76
C ASN A 85 -17.91 -2.56 45.63
N GLU A 86 -16.97 -3.43 46.01
CA GLU A 86 -16.06 -4.09 45.05
C GLU A 86 -16.71 -5.04 44.04
N GLU A 87 -18.01 -5.27 44.15
CA GLU A 87 -18.73 -6.11 43.16
C GLU A 87 -19.17 -5.32 41.92
N ASN A 88 -19.17 -3.99 42.03
CA ASN A 88 -19.70 -3.13 41.00
C ASN A 88 -18.78 -3.06 39.80
N ALA A 89 -19.38 -3.00 38.61
CA ALA A 89 -18.62 -2.91 37.34
C ALA A 89 -17.64 -1.74 37.32
N CYS A 90 -18.09 -0.61 37.82
CA CYS A 90 -17.25 0.58 37.95
C CYS A 90 -17.81 1.36 39.14
N HIS A 91 -17.16 2.47 39.52
CA HIS A 91 -17.40 3.06 40.84
C HIS A 91 -17.78 4.50 40.78
N CYS A 92 -18.55 4.92 41.79
CA CYS A 92 -19.01 6.29 41.91
C CYS A 92 -18.68 6.82 43.29
N SER A 93 -17.80 6.08 43.96
CA SER A 93 -17.27 6.44 45.26
C SER A 93 -16.20 7.53 45.17
N GLU A 94 -16.12 8.35 46.21
CA GLU A 94 -15.17 9.46 46.32
C GLU A 94 -13.72 9.06 46.02
N ASP A 95 -13.36 7.83 46.33
CA ASP A 95 -11.99 7.36 46.18
C ASP A 95 -11.67 6.80 44.78
N CYS A 96 -12.67 6.75 43.89
CA CYS A 96 -12.51 6.11 42.58
C CYS A 96 -11.47 6.76 41.66
N LEU A 97 -11.39 8.09 41.63
CA LEU A 97 -10.38 8.78 40.77
C LEU A 97 -8.94 8.37 41.06
N SER A 98 -8.55 8.35 42.33
CA SER A 98 -7.20 7.93 42.74
C SER A 98 -7.00 6.44 42.44
N ARG A 99 -8.03 5.64 42.72
CA ARG A 99 -8.03 4.23 42.35
C ARG A 99 -8.12 4.02 40.83
N GLY A 100 -8.57 5.04 40.09
CA GLY A 100 -8.64 5.03 38.62
C GLY A 100 -9.74 4.16 38.00
N ASP A 101 -10.78 3.86 38.77
CA ASP A 101 -11.84 2.93 38.32
C ASP A 101 -13.28 3.47 38.44
N CYS A 102 -13.44 4.79 38.35
CA CYS A 102 -14.75 5.39 38.24
C CYS A 102 -15.43 4.94 36.94
N CYS A 103 -16.77 4.93 36.95
CA CYS A 103 -17.53 4.97 35.71
C CYS A 103 -17.14 6.22 34.91
N THR A 104 -17.11 6.11 33.59
CA THR A 104 -16.49 7.19 32.80
C THR A 104 -17.34 8.45 32.89
N ASN A 105 -18.60 8.34 33.32
CA ASN A 105 -19.43 9.55 33.42
C ASN A 105 -19.51 10.11 34.86
N TYR A 106 -18.66 9.58 35.74
CA TYR A 106 -18.63 9.98 37.16
C TYR A 106 -18.59 11.48 37.42
N GLN A 107 -17.68 12.21 36.78
CA GLN A 107 -17.57 13.65 37.03
C GLN A 107 -18.74 14.42 36.44
N VAL A 108 -19.27 13.92 35.34
CA VAL A 108 -20.42 14.54 34.73
C VAL A 108 -21.59 14.42 35.70
N VAL A 109 -21.89 13.20 36.13
CA VAL A 109 -23.08 12.96 36.95
C VAL A 109 -22.90 13.48 38.37
N CYS A 110 -21.70 13.34 38.94
CA CYS A 110 -21.47 13.65 40.35
C CYS A 110 -20.80 14.98 40.65
N LYS A 111 -20.06 15.54 39.71
CA LYS A 111 -19.29 16.77 39.97
C LYS A 111 -19.67 17.93 39.05
N GLY A 112 -20.76 17.74 38.31
CA GLY A 112 -21.24 18.78 37.41
C GLY A 112 -20.29 19.15 36.29
N GLU A 113 -19.39 18.25 35.91
CA GLU A 113 -18.55 18.46 34.71
C GLU A 113 -19.32 18.24 33.41
N SER A 114 -18.78 18.69 32.29
CA SER A 114 -19.38 18.44 30.99
C SER A 114 -18.72 17.22 30.33
N HIS A 115 -19.48 16.51 29.49
CA HIS A 115 -18.93 15.48 28.59
C HIS A 115 -17.85 16.10 27.70
N TRP A 116 -16.80 15.35 27.43
CA TRP A 116 -15.74 15.87 26.54
C TRP A 116 -16.32 16.42 25.24
N VAL A 117 -17.30 15.72 24.68
CA VAL A 117 -17.86 16.12 23.36
C VAL A 117 -18.53 17.50 23.36
N ASP A 118 -19.04 17.94 24.53
CA ASP A 118 -19.66 19.26 24.71
C ASP A 118 -18.68 20.43 24.91
N ASP A 119 -17.40 20.13 25.05
CA ASP A 119 -16.40 21.18 25.24
C ASP A 119 -15.93 21.65 23.89
N ASP A 120 -15.75 22.95 23.73
CA ASP A 120 -15.12 23.52 22.54
C ASP A 120 -13.77 22.87 22.34
N CYS A 121 -13.35 22.66 21.10
CA CYS A 121 -11.98 22.24 21.04
C CYS A 121 -11.01 23.38 21.15
N GLU A 122 -9.89 23.10 21.80
CA GLU A 122 -8.83 24.07 21.99
C GLU A 122 -7.57 23.38 21.51
N GLU A 123 -6.77 24.08 20.74
CA GLU A 123 -5.51 23.51 20.26
C GLU A 123 -4.69 22.93 21.42
N ILE A 124 -4.13 21.74 21.22
CA ILE A 124 -3.21 21.13 22.21
C ILE A 124 -1.82 21.41 21.68
N LYS A 125 -1.19 22.48 22.16
CA LYS A 125 0.15 22.86 21.65
C LYS A 125 1.28 22.06 22.26
N VAL A 126 1.09 21.57 23.49
CA VAL A 126 2.11 20.80 24.14
C VAL A 126 1.41 19.71 24.91
N PRO A 127 2.09 18.60 25.18
CA PRO A 127 1.40 17.62 26.01
C PRO A 127 1.10 18.22 27.38
N GLU A 128 -0.12 18.03 27.88
CA GLU A 128 -0.45 18.45 29.26
C GLU A 128 -0.71 17.20 30.09
N CYS A 129 0.37 16.66 30.66
CA CYS A 129 0.38 15.33 31.28
C CYS A 129 0.67 15.45 32.78
N PRO A 130 0.13 14.53 33.60
CA PRO A 130 0.53 14.52 35.02
C PRO A 130 2.03 14.31 35.19
N ALA A 131 2.60 14.84 36.27
CA ALA A 131 4.02 14.63 36.55
C ALA A 131 4.33 13.13 36.55
N GLY A 132 5.50 12.79 36.07
CA GLY A 132 5.89 11.41 36.03
C GLY A 132 5.68 10.71 34.70
N PHE A 133 4.77 11.21 33.85
CA PHE A 133 4.70 10.73 32.45
C PHE A 133 5.95 11.13 31.69
N VAL A 134 6.66 10.16 31.13
CA VAL A 134 7.90 10.44 30.39
C VAL A 134 7.66 10.77 28.90
N ARG A 135 6.49 10.38 28.38
CA ARG A 135 6.11 10.62 26.99
C ARG A 135 4.58 10.56 26.93
N PRO A 136 3.95 11.27 25.97
CA PRO A 136 2.48 11.09 25.80
C PRO A 136 2.13 9.65 25.50
N PRO A 137 1.19 9.04 26.24
CA PRO A 137 0.81 7.69 25.80
C PRO A 137 0.08 7.72 24.43
N LEU A 138 0.07 6.58 23.75
CA LEU A 138 -0.63 6.40 22.49
C LEU A 138 -1.76 5.39 22.65
N ILE A 139 -2.96 5.76 22.24
CA ILE A 139 -4.07 4.79 22.23
C ILE A 139 -4.53 4.57 20.78
N ILE A 140 -4.45 3.31 20.33
CA ILE A 140 -4.90 2.99 18.99
C ILE A 140 -6.34 2.49 19.11
N PHE A 141 -7.29 3.24 18.55
CA PHE A 141 -8.69 2.85 18.69
C PHE A 141 -9.08 2.29 17.32
N SER A 142 -9.07 0.97 17.18
CA SER A 142 -9.28 0.35 15.89
C SER A 142 -10.71 -0.19 15.76
N VAL A 143 -11.29 0.03 14.59
CA VAL A 143 -12.72 -0.27 14.36
C VAL A 143 -12.82 -1.11 13.10
N ASP A 144 -13.44 -2.27 13.23
CA ASP A 144 -13.44 -3.24 12.16
C ASP A 144 -14.49 -2.86 11.10
N GLY A 145 -14.07 -2.83 9.84
CA GLY A 145 -15.00 -2.59 8.73
C GLY A 145 -15.57 -1.17 8.68
N PHE A 146 -14.87 -0.21 9.25
CA PHE A 146 -15.30 1.20 9.22
C PHE A 146 -14.91 1.84 7.90
N ARG A 147 -15.86 1.81 6.99
CA ARG A 147 -15.66 2.34 5.65
C ARG A 147 -15.47 3.83 5.68
N ALA A 148 -14.61 4.33 4.80
CA ALA A 148 -14.23 5.76 4.83
C ALA A 148 -15.45 6.68 4.73
N SER A 149 -16.43 6.36 3.90
CA SER A 149 -17.54 7.29 3.76
C SER A 149 -18.46 7.37 4.99
N TYR A 150 -18.33 6.46 5.98
CA TYR A 150 -19.08 6.62 7.21
C TYR A 150 -18.77 7.93 7.93
N MET A 151 -17.56 8.50 7.76
CA MET A 151 -17.26 9.76 8.45
C MET A 151 -18.21 10.89 8.03
N LYS A 152 -18.50 10.98 6.74
CA LYS A 152 -19.46 11.96 6.23
C LYS A 152 -20.89 11.46 6.42
N LYS A 153 -21.17 10.25 5.91
CA LYS A 153 -22.55 9.74 5.92
C LYS A 153 -23.16 9.50 7.30
N GLY A 154 -22.34 9.18 8.29
CA GLY A 154 -22.83 8.93 9.64
C GLY A 154 -22.51 10.06 10.62
N SER A 155 -22.04 11.21 10.12
CA SER A 155 -21.63 12.35 10.99
C SER A 155 -22.66 12.76 12.04
N LYS A 156 -23.95 12.74 11.68
CA LYS A 156 -25.02 13.16 12.58
C LYS A 156 -25.20 12.27 13.78
N VAL A 157 -24.78 11.01 13.68
CA VAL A 157 -25.01 10.10 14.77
C VAL A 157 -23.71 9.76 15.50
N MET A 158 -22.61 10.42 15.09
CA MET A 158 -21.29 10.17 15.73
C MET A 158 -20.59 11.44 16.21
N PRO A 159 -21.17 12.13 17.21
CA PRO A 159 -20.57 13.42 17.57
C PRO A 159 -19.15 13.36 18.20
N ASN A 160 -18.79 12.30 18.94
CA ASN A 160 -17.46 12.22 19.55
C ASN A 160 -16.38 12.00 18.50
N ILE A 161 -16.68 11.13 17.53
CA ILE A 161 -15.79 10.84 16.41
C ILE A 161 -15.66 12.09 15.52
N GLU A 162 -16.78 12.78 15.32
CA GLU A 162 -16.75 14.00 14.50
C GLU A 162 -15.91 15.09 15.14
N LYS A 163 -15.96 15.17 16.47
CA LYS A 163 -15.08 16.11 17.19
C LYS A 163 -13.59 15.71 17.05
N LEU A 164 -13.28 14.43 17.16
CA LEU A 164 -11.88 14.00 16.96
C LEU A 164 -11.44 14.38 15.56
N ARG A 165 -12.30 14.10 14.61
CA ARG A 165 -11.95 14.32 13.21
C ARG A 165 -11.77 15.80 12.87
N SER A 166 -12.67 16.66 13.33
CA SER A 166 -12.57 18.02 12.90
C SER A 166 -11.54 18.80 13.73
N CYS A 167 -11.31 18.38 14.96
CA CYS A 167 -10.30 19.03 15.83
C CYS A 167 -8.85 18.55 15.64
N GLY A 168 -8.68 17.28 15.23
CA GLY A 168 -7.32 16.68 15.14
C GLY A 168 -6.89 16.73 13.69
N THR A 169 -6.16 15.69 13.25
CA THR A 169 -5.65 15.59 11.92
C THR A 169 -6.37 14.41 11.26
N HIS A 170 -6.88 14.56 10.04
CA HIS A 170 -7.62 13.43 9.45
C HIS A 170 -7.31 13.35 7.96
N ALA A 171 -7.48 12.16 7.38
CA ALA A 171 -7.37 11.99 5.95
C ALA A 171 -8.78 11.75 5.49
N PRO A 172 -9.07 12.06 4.20
CA PRO A 172 -10.40 11.72 3.67
C PRO A 172 -10.63 10.20 3.65
N TYR A 173 -9.55 9.44 3.46
CA TYR A 173 -9.56 8.00 3.69
C TYR A 173 -8.14 7.49 3.82
N MET A 174 -8.04 6.25 4.27
CA MET A 174 -6.79 5.58 4.40
C MET A 174 -6.89 4.30 3.57
N ARG A 175 -5.86 4.03 2.76
CA ARG A 175 -5.79 2.87 1.90
C ARG A 175 -5.34 1.61 2.67
N PRO A 176 -6.18 0.57 2.70
CA PRO A 176 -5.73 -0.70 3.32
C PRO A 176 -4.74 -1.46 2.43
N VAL A 177 -4.21 -2.58 2.94
CA VAL A 177 -3.44 -3.49 2.07
C VAL A 177 -4.38 -4.57 1.49
N TYR A 178 -3.90 -5.22 0.45
CA TYR A 178 -4.57 -6.37 -0.17
C TYR A 178 -4.01 -7.66 0.43
N PRO A 179 -4.91 -8.62 0.76
CA PRO A 179 -6.37 -8.52 0.65
C PRO A 179 -6.97 -7.70 1.77
N THR A 180 -8.10 -7.02 1.49
CA THR A 180 -8.71 -6.09 2.43
C THR A 180 -9.53 -6.90 3.45
N LYS A 181 -8.80 -7.72 4.20
CA LYS A 181 -9.30 -8.55 5.31
C LYS A 181 -8.69 -8.11 6.66
N THR A 182 -9.28 -8.59 7.77
CA THR A 182 -8.91 -8.07 9.08
C THR A 182 -7.52 -8.35 9.55
N PHE A 183 -7.16 -9.63 9.64
CA PHE A 183 -5.82 -9.94 10.15
C PHE A 183 -4.71 -9.38 9.24
N PRO A 184 -4.82 -9.53 7.90
CA PRO A 184 -3.70 -8.92 7.12
C PRO A 184 -3.57 -7.45 7.39
N ASN A 185 -4.69 -6.75 7.52
CA ASN A 185 -4.61 -5.30 7.71
C ASN A 185 -4.16 -4.84 9.09
N LEU A 186 -4.70 -5.49 10.12
CA LEU A 186 -4.31 -5.15 11.47
C LEU A 186 -2.84 -5.54 11.70
N TYR A 187 -2.39 -6.64 11.10
CA TYR A 187 -0.99 -7.00 11.35
C TYR A 187 -0.03 -6.10 10.52
N THR A 188 -0.51 -5.61 9.39
CA THR A 188 0.20 -4.54 8.64
C THR A 188 0.26 -3.24 9.46
N LEU A 189 -0.84 -2.83 10.09
CA LEU A 189 -0.77 -1.67 10.99
CA LEU A 189 -0.78 -1.68 10.99
C LEU A 189 0.27 -1.89 12.07
N ALA A 190 0.30 -3.12 12.63
CA ALA A 190 1.23 -3.46 13.72
C ALA A 190 2.69 -3.45 13.29
N THR A 191 2.99 -3.67 12.00
CA THR A 191 4.36 -4.00 11.59
C THR A 191 4.94 -3.06 10.51
N GLY A 192 4.08 -2.37 9.78
CA GLY A 192 4.54 -1.54 8.66
C GLY A 192 4.88 -2.40 7.43
N LEU A 193 4.53 -3.69 7.46
CA LEU A 193 4.88 -4.64 6.39
C LEU A 193 3.71 -5.01 5.49
N TYR A 194 3.98 -5.17 4.20
CA TYR A 194 3.03 -5.84 3.32
C TYR A 194 2.73 -7.29 3.83
N PRO A 195 1.51 -7.77 3.60
CA PRO A 195 1.16 -9.16 4.00
C PRO A 195 2.18 -10.21 3.46
N GLU A 196 2.68 -10.05 2.23
CA GLU A 196 3.63 -11.04 1.69
C GLU A 196 4.91 -11.09 2.58
N SER A 197 5.23 -10.00 3.25
CA SER A 197 6.40 -9.99 4.13
C SER A 197 6.07 -10.37 5.57
N HIS A 198 4.97 -9.89 6.13
CA HIS A 198 4.62 -10.34 7.49
C HIS A 198 4.02 -11.77 7.62
N GLY A 199 3.53 -12.29 6.49
CA GLY A 199 3.06 -13.68 6.42
C GLY A 199 1.59 -13.93 6.64
N ILE A 200 0.83 -12.91 7.07
CA ILE A 200 -0.60 -13.10 7.20
C ILE A 200 -1.21 -12.62 5.91
N VAL A 201 -1.31 -13.55 4.94
CA VAL A 201 -1.64 -13.18 3.56
C VAL A 201 -3.13 -13.36 3.32
N GLY A 202 -3.81 -13.87 4.31
CA GLY A 202 -5.25 -14.03 4.17
C GLY A 202 -5.84 -14.32 5.54
N ASN A 203 -7.16 -14.40 5.61
CA ASN A 203 -7.85 -14.86 6.84
CA ASN A 203 -7.75 -14.85 6.86
C ASN A 203 -7.79 -16.39 6.95
N SER A 204 -7.48 -17.03 5.81
CA SER A 204 -7.33 -18.46 5.70
C SER A 204 -6.01 -18.78 4.93
N MET A 205 -5.14 -19.68 5.40
CA MET A 205 -3.87 -19.95 4.70
C MET A 205 -3.39 -21.38 4.84
N TYR A 206 -2.68 -21.86 3.83
CA TYR A 206 -1.97 -23.12 3.96
C TYR A 206 -0.50 -22.85 3.78
N ASP A 207 0.33 -23.25 4.73
CA ASP A 207 1.78 -23.12 4.53
C ASP A 207 2.34 -24.51 4.19
N PRO A 208 2.90 -24.65 2.98
CA PRO A 208 3.37 -25.98 2.55
C PRO A 208 4.68 -26.41 3.20
N VAL A 209 5.42 -25.48 3.78
CA VAL A 209 6.66 -25.86 4.44
C VAL A 209 6.36 -26.51 5.80
N PHE A 210 5.42 -25.91 6.53
CA PHE A 210 4.98 -26.43 7.82
C PHE A 210 3.97 -27.55 7.59
N ASP A 211 3.37 -27.63 6.41
CA ASP A 211 2.16 -28.40 6.12
C ASP A 211 1.12 -28.13 7.20
N ALA A 212 0.80 -26.85 7.40
CA ALA A 212 -0.18 -26.48 8.41
C ALA A 212 -1.15 -25.44 7.85
N SER A 213 -2.36 -25.38 8.42
CA SER A 213 -3.38 -24.44 7.97
C SER A 213 -3.70 -23.44 9.05
N PHE A 214 -4.00 -22.24 8.59
CA PHE A 214 -4.33 -21.12 9.48
C PHE A 214 -5.78 -20.79 9.21
N HIS A 215 -6.57 -20.69 10.27
CA HIS A 215 -8.00 -20.36 10.11
C HIS A 215 -8.39 -19.36 11.19
N LEU A 216 -9.40 -18.54 10.87
CA LEU A 216 -9.98 -17.62 11.87
C LEU A 216 -10.45 -18.35 13.14
N ARG A 217 -11.39 -19.28 12.98
CA ARG A 217 -11.76 -20.17 14.06
C ARG A 217 -10.57 -21.07 14.37
N GLY A 218 -10.28 -21.28 15.64
CA GLY A 218 -9.37 -22.34 16.01
C GLY A 218 -8.06 -21.95 16.63
N ARG A 219 -7.25 -22.97 16.85
CA ARG A 219 -6.11 -22.87 17.72
C ARG A 219 -4.83 -22.50 16.99
N GLU A 220 -4.63 -23.06 15.79
CA GLU A 220 -3.37 -22.91 15.04
C GLU A 220 -2.93 -21.43 14.90
N LYS A 221 -3.89 -20.53 14.67
CA LYS A 221 -3.58 -19.11 14.42
C LYS A 221 -2.73 -18.44 15.51
N PHE A 222 -2.73 -19.02 16.72
CA PHE A 222 -1.91 -18.51 17.82
C PHE A 222 -0.45 -18.93 17.73
N ASN A 223 -0.16 -19.98 16.98
CA ASN A 223 1.23 -20.38 16.84
C ASN A 223 2.07 -19.22 16.30
N HIS A 224 3.19 -18.93 16.97
CA HIS A 224 4.09 -17.82 16.61
C HIS A 224 4.71 -17.86 15.20
N ARG A 225 4.89 -19.06 14.64
CA ARG A 225 5.50 -19.19 13.30
C ARG A 225 4.65 -18.59 12.14
N TRP A 226 3.38 -18.27 12.35
CA TRP A 226 2.60 -17.56 11.32
C TRP A 226 2.99 -16.08 11.17
N TRP A 227 3.35 -15.45 12.30
CA TRP A 227 3.39 -14.01 12.42
C TRP A 227 4.82 -13.52 12.31
N GLY A 228 5.18 -12.93 11.17
CA GLY A 228 6.53 -12.46 10.90
C GLY A 228 6.72 -10.98 11.21
N GLY A 229 7.86 -10.42 10.82
CA GLY A 229 8.19 -9.02 11.15
C GLY A 229 8.29 -8.75 12.65
N GLN A 230 8.26 -7.49 13.02
CA GLN A 230 8.30 -7.12 14.42
C GLN A 230 7.18 -6.11 14.70
N PRO A 231 6.12 -6.56 15.39
CA PRO A 231 4.97 -5.71 15.65
C PRO A 231 5.28 -4.63 16.70
N LEU A 232 4.50 -3.56 16.67
CA LEU A 232 4.72 -2.38 17.53
C LEU A 232 4.93 -2.76 19.01
N TRP A 233 4.17 -3.72 19.55
CA TRP A 233 4.30 -4.04 21.00
C TRP A 233 5.66 -4.65 21.31
N ILE A 234 6.25 -5.37 20.36
CA ILE A 234 7.58 -5.98 20.53
C ILE A 234 8.63 -4.89 20.35
N THR A 235 8.49 -4.08 19.30
CA THR A 235 9.35 -2.93 19.12
C THR A 235 9.40 -2.07 20.43
N ALA A 236 8.23 -1.79 21.02
CA ALA A 236 8.16 -0.94 22.23
C ALA A 236 8.96 -1.65 23.37
N THR A 237 8.59 -2.91 23.62
CA THR A 237 9.20 -3.70 24.70
C THR A 237 10.73 -3.78 24.58
N LYS A 238 11.25 -4.09 23.38
CA LYS A 238 12.69 -4.21 23.17
C LYS A 238 13.41 -2.91 23.43
N GLN A 239 12.69 -1.80 23.37
CA GLN A 239 13.30 -0.51 23.55
C GLN A 239 12.92 0.13 24.89
N GLY A 240 12.43 -0.65 25.83
CA GLY A 240 12.08 -0.12 27.17
C GLY A 240 10.74 0.56 27.32
N VAL A 241 9.83 0.40 26.35
CA VAL A 241 8.53 1.05 26.44
C VAL A 241 7.51 -0.03 26.65
N ARG A 242 6.69 0.11 27.68
CA ARG A 242 5.71 -0.92 28.04
C ARG A 242 4.45 -0.82 27.19
N ALA A 243 3.90 -1.97 26.84
CA ALA A 243 2.71 -2.02 25.99
C ALA A 243 1.51 -2.71 26.67
N GLY A 244 0.31 -2.17 26.48
CA GLY A 244 -0.92 -2.81 26.94
C GLY A 244 -1.35 -3.88 25.94
N THR A 245 -2.45 -4.58 26.18
CA THR A 245 -2.85 -5.65 25.22
C THR A 245 -3.35 -5.06 23.90
N PHE A 246 -3.07 -5.75 22.80
CA PHE A 246 -3.64 -5.33 21.53
C PHE A 246 -4.82 -6.22 21.15
N PHE A 247 -4.71 -7.51 21.45
CA PHE A 247 -5.75 -8.46 21.07
C PHE A 247 -6.76 -8.72 22.19
N TRP A 248 -8.02 -8.36 21.96
CA TRP A 248 -9.06 -8.52 22.98
C TRP A 248 -9.97 -9.72 22.65
N SER A 249 -10.24 -10.59 23.64
CA SER A 249 -11.17 -11.73 23.47
C SER A 249 -12.53 -11.17 23.18
N VAL A 250 -13.23 -11.79 22.24
CA VAL A 250 -14.53 -11.28 21.76
C VAL A 250 -15.58 -11.16 22.88
N SER A 251 -15.46 -11.99 23.91
CA SER A 251 -16.43 -11.99 24.99
C SER A 251 -16.18 -10.91 26.04
N ILE A 252 -15.01 -10.26 26.05
CA ILE A 252 -14.81 -9.11 26.93
C ILE A 252 -15.58 -7.90 26.38
N PRO A 253 -16.58 -7.40 27.13
CA PRO A 253 -17.36 -6.29 26.56
C PRO A 253 -16.54 -5.03 26.34
N HIS A 254 -16.97 -4.19 25.39
CA HIS A 254 -16.24 -2.98 25.03
C HIS A 254 -16.04 -2.06 26.22
N GLU A 255 -17.06 -1.89 27.06
CA GLU A 255 -16.93 -1.04 28.24
C GLU A 255 -15.81 -1.48 29.18
N ARG A 256 -15.61 -2.79 29.27
CA ARG A 256 -14.58 -3.37 30.12
C ARG A 256 -13.19 -3.16 29.48
N ARG A 257 -13.12 -3.22 28.14
CA ARG A 257 -11.85 -2.92 27.46
C ARG A 257 -11.44 -1.49 27.76
N ILE A 258 -12.37 -0.54 27.62
CA ILE A 258 -12.14 0.89 27.93
C ILE A 258 -11.72 1.08 29.39
N LEU A 259 -12.45 0.48 30.33
CA LEU A 259 -12.17 0.67 31.76
C LEU A 259 -10.81 0.10 32.14
N THR A 260 -10.43 -1.02 31.50
CA THR A 260 -9.13 -1.64 31.69
C THR A 260 -8.01 -0.70 31.20
N ILE A 261 -8.19 -0.09 30.03
CA ILE A 261 -7.18 0.88 29.52
C ILE A 261 -7.05 2.02 30.51
N LEU A 262 -8.18 2.52 30.98
CA LEU A 262 -8.19 3.67 31.89
C LEU A 262 -7.53 3.30 33.22
N GLN A 263 -7.79 2.08 33.71
CA GLN A 263 -7.09 1.52 34.88
C GLN A 263 -5.58 1.45 34.69
N TRP A 264 -5.15 0.95 33.53
CA TRP A 264 -3.72 0.83 33.26
C TRP A 264 -3.04 2.19 33.28
N LEU A 265 -3.76 3.20 32.81
CA LEU A 265 -3.23 4.54 32.71
C LEU A 265 -3.09 5.20 34.07
N SER A 266 -3.81 4.68 35.07
CA SER A 266 -3.66 5.13 36.46
C SER A 266 -2.56 4.38 37.25
N LEU A 267 -1.85 3.44 36.61
CA LEU A 267 -0.77 2.68 37.27
C LEU A 267 0.40 3.59 37.64
N PRO A 268 1.25 3.15 38.58
CA PRO A 268 2.46 3.92 38.85
C PRO A 268 3.36 4.04 37.62
N ASP A 269 4.12 5.12 37.54
CA ASP A 269 5.05 5.37 36.42
C ASP A 269 5.85 4.13 35.95
N ASN A 270 6.37 3.36 36.89
CA ASN A 270 7.22 2.22 36.55
C ASN A 270 6.48 1.00 36.00
N GLU A 271 5.14 0.97 36.12
CA GLU A 271 4.35 -0.15 35.59
C GLU A 271 3.39 0.28 34.45
N ARG A 272 3.14 1.57 34.29
CA ARG A 272 2.13 2.06 33.36
C ARG A 272 2.54 1.85 31.89
N PRO A 273 1.71 1.17 31.08
CA PRO A 273 2.13 1.10 29.67
C PRO A 273 2.07 2.49 28.99
N SER A 274 2.82 2.63 27.91
CA SER A 274 2.78 3.83 27.09
C SER A 274 2.01 3.63 25.78
N VAL A 275 1.74 2.39 25.40
CA VAL A 275 0.92 2.19 24.21
C VAL A 275 -0.16 1.17 24.48
N TYR A 276 -1.35 1.46 23.95
CA TYR A 276 -2.59 0.71 24.13
C TYR A 276 -3.35 0.54 22.84
N ALA A 277 -4.12 -0.55 22.71
CA ALA A 277 -5.08 -0.64 21.60
C ALA A 277 -6.45 -1.01 22.14
N PHE A 278 -7.47 -0.44 21.51
CA PHE A 278 -8.84 -0.92 21.68
C PHE A 278 -9.24 -1.47 20.31
N TYR A 279 -10.13 -2.45 20.31
CA TYR A 279 -10.61 -3.02 19.07
C TYR A 279 -12.10 -3.21 19.22
N SER A 280 -12.84 -2.80 18.20
CA SER A 280 -14.25 -3.10 18.08
C SER A 280 -14.55 -3.97 16.84
N GLU A 281 -15.34 -5.03 17.03
CA GLU A 281 -15.66 -5.88 15.87
C GLU A 281 -16.81 -5.25 15.04
N GLN A 282 -17.34 -4.14 15.52
CA GLN A 282 -18.33 -3.33 14.79
C GLN A 282 -17.58 -2.13 14.13
N PRO A 283 -18.04 -1.60 12.99
CA PRO A 283 -19.35 -1.95 12.35
C PRO A 283 -19.33 -3.20 11.46
N ASP A 284 -18.19 -3.86 11.33
CA ASP A 284 -18.03 -4.97 10.39
C ASP A 284 -19.08 -6.08 10.60
N PHE A 285 -19.29 -6.45 11.86
CA PHE A 285 -20.18 -7.56 12.18
C PHE A 285 -21.61 -7.32 11.63
N SER A 286 -22.13 -6.15 11.88
CA SER A 286 -23.42 -5.80 11.32
C SER A 286 -23.35 -5.59 9.81
N GLY A 287 -22.25 -5.00 9.32
CA GLY A 287 -22.09 -4.71 7.88
C GLY A 287 -22.23 -5.98 7.06
N HIS A 288 -21.69 -7.09 7.54
CA HIS A 288 -21.80 -8.36 6.83
C HIS A 288 -23.28 -8.81 6.72
N LYS A 289 -24.03 -8.63 7.78
CA LYS A 289 -25.45 -9.01 7.76
C LYS A 289 -26.31 -8.05 6.97
N TYR A 290 -26.05 -6.74 7.07
CA TYR A 290 -27.00 -5.77 6.51
C TYR A 290 -26.53 -4.97 5.31
N GLY A 291 -25.26 -5.16 4.91
CA GLY A 291 -24.71 -4.26 3.87
C GLY A 291 -24.10 -3.00 4.49
N PRO A 292 -23.20 -2.31 3.76
CA PRO A 292 -22.51 -1.18 4.32
C PRO A 292 -23.46 -0.07 4.76
N PHE A 293 -24.60 0.13 4.04
CA PHE A 293 -25.51 1.20 4.41
C PHE A 293 -26.90 0.74 4.76
N GLY A 294 -27.05 -0.52 5.15
CA GLY A 294 -28.38 -1.02 5.57
C GLY A 294 -28.90 -0.11 6.67
N PRO A 295 -30.23 0.07 6.76
CA PRO A 295 -30.74 0.93 7.84
C PRO A 295 -30.36 0.45 9.26
N GLU A 296 -30.12 -0.85 9.43
CA GLU A 296 -29.63 -1.42 10.68
C GLU A 296 -28.23 -0.92 11.09
N MET A 297 -27.54 -0.21 10.20
CA MET A 297 -26.15 0.20 10.45
C MET A 297 -26.02 1.45 11.32
N THR A 298 -27.12 2.18 11.46
CA THR A 298 -27.07 3.41 12.24
C THR A 298 -26.73 3.11 13.69
N ASN A 299 -27.37 2.09 14.26
CA ASN A 299 -27.12 1.74 15.68
C ASN A 299 -25.69 1.30 16.03
N PRO A 300 -25.10 0.43 15.20
CA PRO A 300 -23.69 0.10 15.47
C PRO A 300 -22.79 1.35 15.44
N LEU A 301 -23.06 2.34 14.56
CA LEU A 301 -22.26 3.58 14.51
C LEU A 301 -22.47 4.44 15.74
N ARG A 302 -23.74 4.54 16.17
CA ARG A 302 -24.01 5.19 17.46
C ARG A 302 -23.26 4.49 18.59
N GLU A 303 -23.26 3.17 18.60
CA GLU A 303 -22.61 2.48 19.72
C GLU A 303 -21.10 2.70 19.76
N ILE A 304 -20.46 2.69 18.59
CA ILE A 304 -19.02 2.97 18.55
C ILE A 304 -18.72 4.39 19.02
N ASP A 305 -19.55 5.34 18.61
CA ASP A 305 -19.37 6.72 19.04
C ASP A 305 -19.50 6.88 20.57
N LYS A 306 -20.47 6.16 21.14
CA LYS A 306 -20.64 6.17 22.58
C LYS A 306 -19.40 5.62 23.29
N THR A 307 -18.80 4.57 22.75
CA THR A 307 -17.56 4.04 23.32
C THR A 307 -16.40 5.03 23.24
N VAL A 308 -16.25 5.69 22.09
CA VAL A 308 -15.26 6.77 21.96
C VAL A 308 -15.54 7.84 23.04
N GLY A 309 -16.82 8.21 23.22
CA GLY A 309 -17.20 9.18 24.27
C GLY A 309 -16.83 8.74 25.70
N GLN A 310 -17.05 7.46 26.00
CA GLN A 310 -16.63 6.88 27.28
C GLN A 310 -15.12 6.99 27.49
N LEU A 311 -14.34 6.64 26.46
CA LEU A 311 -12.90 6.81 26.53
C LEU A 311 -12.50 8.27 26.76
N MET A 312 -13.06 9.20 25.99
CA MET A 312 -12.63 10.60 26.12
C MET A 312 -13.10 11.21 27.47
N ASP A 313 -14.27 10.83 27.96
CA ASP A 313 -14.72 11.30 29.28
C ASP A 313 -13.82 10.73 30.36
N GLY A 314 -13.50 9.44 30.22
CA GLY A 314 -12.61 8.77 31.15
C GLY A 314 -11.22 9.38 31.17
N LEU A 315 -10.71 9.77 29.99
CA LEU A 315 -9.41 10.47 29.92
C LEU A 315 -9.49 11.86 30.56
N LYS A 316 -10.58 12.56 30.27
CA LYS A 316 -10.78 13.87 30.83
C LYS A 316 -10.79 13.82 32.37
N GLN A 317 -11.46 12.82 32.96
CA GLN A 317 -11.51 12.64 34.45
C GLN A 317 -10.11 12.42 35.02
N LEU A 318 -9.27 11.71 34.29
CA LEU A 318 -7.92 11.49 34.72
C LEU A 318 -6.99 12.66 34.33
N ARG A 319 -7.51 13.73 33.73
CA ARG A 319 -6.66 14.86 33.28
C ARG A 319 -5.63 14.41 32.24
N LEU A 320 -6.04 13.46 31.40
CA LEU A 320 -5.21 12.89 30.34
C LEU A 320 -5.73 13.22 28.93
N HIS A 321 -6.83 13.95 28.85
CA HIS A 321 -7.47 14.22 27.55
C HIS A 321 -6.66 15.20 26.66
N ARG A 322 -5.67 15.87 27.24
CA ARG A 322 -4.78 16.75 26.46
C ARG A 322 -3.31 16.25 26.59
N CYS A 323 -3.17 14.97 26.89
CA CYS A 323 -1.88 14.33 27.10
C CYS A 323 -1.71 13.15 26.12
N VAL A 324 -2.78 12.38 25.95
CA VAL A 324 -2.75 11.16 25.16
C VAL A 324 -2.92 11.43 23.65
N ASN A 325 -2.12 10.74 22.82
CA ASN A 325 -2.36 10.78 21.42
C ASN A 325 -3.32 9.61 21.12
N VAL A 326 -4.43 9.94 20.46
CA VAL A 326 -5.41 8.95 20.07
C VAL A 326 -5.41 8.76 18.55
N ILE A 327 -5.34 7.50 18.12
CA ILE A 327 -5.48 7.19 16.69
C ILE A 327 -6.77 6.40 16.47
N PHE A 328 -7.67 6.95 15.66
CA PHE A 328 -8.93 6.29 15.32
C PHE A 328 -8.73 5.73 13.93
N VAL A 329 -8.70 4.41 13.82
CA VAL A 329 -8.27 3.80 12.56
C VAL A 329 -9.11 2.55 12.24
N GLY A 330 -9.41 2.32 10.96
CA GLY A 330 -10.07 1.06 10.59
C GLY A 330 -9.14 0.08 9.88
N ASP A 331 -9.58 -1.16 9.73
CA ASP A 331 -8.76 -2.12 9.00
C ASP A 331 -9.07 -2.16 7.48
N HIS A 332 -10.34 -1.93 7.13
CA HIS A 332 -10.84 -1.99 5.72
C HIS A 332 -12.30 -1.54 5.73
N GLY A 333 -12.87 -1.33 4.55
CA GLY A 333 -14.28 -0.92 4.47
C GLY A 333 -15.21 -2.13 4.29
N MET A 334 -16.30 -1.94 3.55
CA MET A 334 -17.36 -2.99 3.42
C MET A 334 -18.11 -2.64 2.13
N GLU A 335 -18.36 -3.65 1.29
CA GLU A 335 -19.06 -3.49 0.01
C GLU A 335 -20.38 -4.31 0.04
N ASP A 336 -21.35 -3.96 -0.81
CA ASP A 336 -22.55 -4.79 -0.96
C ASP A 336 -22.21 -6.04 -1.74
N VAL A 337 -22.48 -7.17 -1.14
CA VAL A 337 -22.18 -8.46 -1.76
C VAL A 337 -23.31 -9.39 -1.33
N THR A 338 -23.97 -10.04 -2.28
CA THR A 338 -25.02 -11.00 -1.96
C THR A 338 -24.71 -12.35 -2.64
N CYS A 339 -25.36 -13.41 -2.14
CA CYS A 339 -25.00 -14.73 -2.66
C CYS A 339 -25.47 -15.03 -4.09
N ASP A 340 -26.40 -14.24 -4.61
CA ASP A 340 -26.69 -14.33 -6.03
C ASP A 340 -25.59 -13.75 -6.94
N ARG A 341 -24.71 -12.91 -6.39
CA ARG A 341 -23.53 -12.47 -7.17
C ARG A 341 -22.34 -13.39 -6.84
N THR A 342 -22.49 -14.66 -7.22
CA THR A 342 -21.39 -15.61 -7.06
C THR A 342 -21.07 -16.23 -8.40
N GLU A 343 -19.78 -16.26 -8.75
CA GLU A 343 -19.31 -16.96 -9.94
C GLU A 343 -18.88 -18.37 -9.48
N PHE A 344 -19.17 -19.41 -10.26
CA PHE A 344 -18.80 -20.76 -9.85
C PHE A 344 -17.76 -21.39 -10.76
N LEU A 345 -16.68 -21.87 -10.17
CA LEU A 345 -15.63 -22.44 -10.98
C LEU A 345 -16.14 -23.70 -11.71
N SER A 346 -17.15 -24.36 -11.12
CA SER A 346 -17.73 -25.55 -11.77
C SER A 346 -18.36 -25.18 -13.12
N ASN A 347 -18.64 -23.90 -13.36
CA ASN A 347 -19.08 -23.44 -14.69
C ASN A 347 -17.99 -23.29 -15.73
N TYR A 348 -16.73 -23.40 -15.31
CA TYR A 348 -15.61 -23.17 -16.21
C TYR A 348 -14.72 -24.38 -16.31
N LEU A 349 -14.54 -25.08 -15.21
CA LEU A 349 -13.58 -26.17 -15.18
C LEU A 349 -14.32 -27.52 -15.27
N THR A 350 -13.81 -28.44 -16.08
CA THR A 350 -14.38 -29.79 -16.12
C THR A 350 -13.85 -30.60 -14.92
N ASN A 351 -12.65 -30.26 -14.47
CA ASN A 351 -11.87 -30.93 -13.41
C ASN A 351 -12.01 -30.33 -12.00
N VAL A 352 -13.17 -29.75 -11.69
CA VAL A 352 -13.29 -28.92 -10.49
C VAL A 352 -12.89 -29.61 -9.16
N ASP A 353 -13.00 -30.94 -9.12
CA ASP A 353 -12.65 -31.68 -7.90
C ASP A 353 -11.16 -31.95 -7.74
N ASP A 354 -10.36 -31.60 -8.74
CA ASP A 354 -8.91 -31.72 -8.62
C ASP A 354 -8.24 -30.48 -8.01
N ILE A 355 -9.03 -29.45 -7.67
CA ILE A 355 -8.50 -28.19 -7.09
C ILE A 355 -9.06 -27.91 -5.72
N THR A 356 -8.26 -27.17 -4.94
CA THR A 356 -8.66 -26.53 -3.70
C THR A 356 -8.72 -25.04 -4.02
N LEU A 357 -9.87 -24.44 -3.70
CA LEU A 357 -10.07 -23.00 -3.82
C LEU A 357 -10.21 -22.34 -2.42
N VAL A 358 -9.40 -21.31 -2.15
CA VAL A 358 -9.73 -20.36 -1.06
C VAL A 358 -10.70 -19.38 -1.69
N PRO A 359 -11.98 -19.35 -1.22
CA PRO A 359 -13.02 -18.67 -1.96
C PRO A 359 -13.37 -17.26 -1.43
N GLY A 360 -14.35 -16.58 -2.05
CA GLY A 360 -14.93 -15.38 -1.50
C GLY A 360 -14.64 -14.21 -2.37
N THR A 361 -14.15 -13.13 -1.77
CA THR A 361 -13.91 -11.86 -2.47
C THR A 361 -12.52 -11.86 -3.12
N LEU A 362 -11.81 -12.97 -2.94
CA LEU A 362 -10.61 -13.27 -3.74
C LEU A 362 -10.55 -14.77 -3.97
N GLY A 363 -9.78 -15.25 -4.94
CA GLY A 363 -9.65 -16.68 -5.06
C GLY A 363 -8.20 -17.07 -5.10
N ARG A 364 -7.87 -18.18 -4.43
CA ARG A 364 -6.52 -18.74 -4.52
C ARG A 364 -6.69 -20.22 -4.82
N ILE A 365 -6.06 -20.67 -5.90
CA ILE A 365 -6.19 -22.07 -6.34
C ILE A 365 -4.88 -22.84 -6.21
N ARG A 366 -4.96 -24.02 -5.63
CA ARG A 366 -3.88 -24.97 -5.75
C ARG A 366 -4.44 -26.39 -6.02
N ALA A 367 -3.55 -27.33 -6.29
CA ALA A 367 -3.95 -28.72 -6.54
C ALA A 367 -4.52 -29.30 -5.26
N LYS A 368 -5.63 -30.02 -5.39
CA LYS A 368 -6.18 -30.77 -4.25
C LYS A 368 -5.16 -31.79 -3.76
N SER A 369 -4.40 -32.38 -4.68
CA SER A 369 -3.40 -33.37 -4.30
C SER A 369 -2.08 -33.16 -5.02
N ILE A 370 -0.98 -33.09 -4.26
CA ILE A 370 0.34 -32.84 -4.86
C ILE A 370 0.90 -34.08 -5.60
N ASN A 371 0.26 -35.24 -5.43
CA ASN A 371 0.57 -36.43 -6.21
C ASN A 371 -0.12 -36.45 -7.57
N ASN A 372 -1.00 -35.48 -7.82
CA ASN A 372 -1.64 -35.35 -9.13
C ASN A 372 -0.68 -34.75 -10.17
N SER A 373 0.03 -35.61 -10.90
CA SER A 373 0.96 -35.14 -11.93
C SER A 373 0.25 -34.49 -13.14
N LYS A 374 -1.04 -34.75 -13.29
CA LYS A 374 -1.82 -34.20 -14.40
C LYS A 374 -2.18 -32.73 -14.20
N TYR A 375 -2.26 -32.31 -12.93
CA TYR A 375 -2.63 -30.92 -12.59
C TYR A 375 -1.69 -29.94 -13.29
N ASP A 376 -2.29 -29.01 -14.04
CA ASP A 376 -1.53 -28.05 -14.87
C ASP A 376 -2.12 -26.64 -14.70
N PRO A 377 -1.38 -25.73 -14.04
CA PRO A 377 -1.91 -24.40 -13.76
C PRO A 377 -2.13 -23.54 -15.02
N LYS A 378 -1.31 -23.71 -16.05
CA LYS A 378 -1.50 -22.96 -17.29
C LYS A 378 -2.86 -23.29 -17.91
N THR A 379 -3.23 -24.57 -17.90
CA THR A 379 -4.52 -24.94 -18.50
C THR A 379 -5.72 -24.53 -17.63
N ILE A 380 -5.51 -24.49 -16.30
CA ILE A 380 -6.51 -23.93 -15.40
C ILE A 380 -6.73 -22.45 -15.71
N ILE A 381 -5.64 -21.68 -15.80
CA ILE A 381 -5.73 -20.26 -16.16
C ILE A 381 -6.45 -20.07 -17.49
N ALA A 382 -6.06 -20.82 -18.52
CA ALA A 382 -6.70 -20.75 -19.84
C ALA A 382 -8.21 -20.97 -19.77
N ALA A 383 -8.62 -21.97 -18.98
CA ALA A 383 -10.06 -22.33 -18.89
C ALA A 383 -10.84 -21.26 -18.12
N LEU A 384 -10.12 -20.39 -17.37
CA LEU A 384 -10.76 -19.35 -16.57
C LEU A 384 -10.69 -17.98 -17.23
N THR A 385 -10.10 -17.89 -18.43
CA THR A 385 -9.77 -16.59 -19.03
C THR A 385 -10.79 -16.15 -20.02
N CYS A 386 -11.42 -15.00 -19.78
CA CYS A 386 -12.40 -14.36 -20.68
C CYS A 386 -13.37 -15.38 -21.32
N LYS A 387 -14.00 -16.21 -20.50
CA LYS A 387 -14.91 -17.24 -21.00
C LYS A 387 -16.37 -16.80 -21.09
N LYS A 388 -16.78 -15.84 -20.25
CA LYS A 388 -18.15 -15.31 -20.29
C LYS A 388 -18.06 -13.82 -20.53
N PRO A 389 -19.03 -13.25 -21.26
CA PRO A 389 -18.93 -11.83 -21.63
C PRO A 389 -18.76 -10.89 -20.43
N ASP A 390 -19.46 -11.10 -19.33
CA ASP A 390 -19.26 -10.15 -18.22
C ASP A 390 -18.55 -10.72 -17.01
N GLN A 391 -17.75 -11.75 -17.24
CA GLN A 391 -17.03 -12.49 -16.20
C GLN A 391 -16.58 -11.59 -15.04
N HIS A 392 -16.96 -11.94 -13.81
CA HIS A 392 -16.74 -11.04 -12.69
C HIS A 392 -15.51 -11.41 -11.87
N PHE A 393 -14.58 -12.14 -12.47
CA PHE A 393 -13.27 -12.37 -11.85
C PHE A 393 -12.26 -12.51 -12.99
N LYS A 394 -11.00 -12.32 -12.66
CA LYS A 394 -9.96 -12.44 -13.67
C LYS A 394 -8.86 -13.28 -13.05
N PRO A 395 -8.45 -14.36 -13.74
CA PRO A 395 -7.36 -15.20 -13.21
C PRO A 395 -5.98 -14.62 -13.52
N TYR A 396 -5.03 -14.83 -12.60
CA TYR A 396 -3.65 -14.42 -12.81
C TYR A 396 -2.73 -15.45 -12.23
N MET A 397 -1.59 -15.68 -12.89
CA MET A 397 -0.46 -16.19 -12.13
CA MET A 397 -0.45 -16.18 -12.14
C MET A 397 -0.03 -15.06 -11.15
N LYS A 398 0.37 -15.42 -9.93
CA LYS A 398 0.56 -14.39 -8.91
C LYS A 398 1.61 -13.32 -9.30
N GLN A 399 2.62 -13.72 -10.07
CA GLN A 399 3.68 -12.80 -10.46
C GLN A 399 3.13 -11.79 -11.49
N HIS A 400 1.93 -12.05 -12.02
CA HIS A 400 1.35 -11.15 -13.03
C HIS A 400 0.31 -10.19 -12.43
N LEU A 401 -0.05 -10.41 -11.18
CA LEU A 401 -0.83 -9.42 -10.42
C LEU A 401 -0.18 -8.01 -10.48
N PRO A 402 -1.02 -6.95 -10.54
CA PRO A 402 -0.52 -5.56 -10.46
C PRO A 402 0.48 -5.48 -9.33
N LYS A 403 1.65 -4.94 -9.66
CA LYS A 403 2.74 -4.83 -8.68
C LYS A 403 2.36 -3.98 -7.48
N ARG A 404 1.44 -3.04 -7.63
CA ARG A 404 0.99 -2.20 -6.49
C ARG A 404 0.39 -3.03 -5.35
N LEU A 405 -0.11 -4.24 -5.66
CA LEU A 405 -0.68 -5.12 -4.63
C LEU A 405 0.38 -5.81 -3.74
N HIS A 406 1.61 -5.88 -4.23
CA HIS A 406 2.72 -6.52 -3.50
C HIS A 406 2.28 -7.90 -2.93
N TYR A 407 1.67 -8.72 -3.79
CA TYR A 407 1.01 -9.92 -3.35
C TYR A 407 1.52 -11.15 -4.10
N ALA A 408 2.80 -11.49 -3.86
CA ALA A 408 3.35 -12.64 -4.54
C ALA A 408 4.42 -13.37 -3.79
N ASN A 409 5.26 -12.63 -3.08
CA ASN A 409 6.48 -13.23 -2.57
C ASN A 409 6.27 -13.91 -1.23
N ASN A 410 5.46 -14.96 -1.23
CA ASN A 410 5.26 -15.70 -0.02
C ASN A 410 4.76 -17.07 -0.43
N ARG A 411 5.36 -18.11 0.12
CA ARG A 411 4.94 -19.50 -0.25
C ARG A 411 3.50 -19.78 0.21
N ARG A 412 2.91 -18.88 1.01
CA ARG A 412 1.52 -19.09 1.44
C ARG A 412 0.53 -18.53 0.44
N ILE A 413 1.05 -17.86 -0.60
CA ILE A 413 0.19 -17.34 -1.66
C ILE A 413 0.27 -18.33 -2.81
N GLU A 414 -0.87 -18.95 -3.14
CA GLU A 414 -0.91 -19.90 -4.24
C GLU A 414 -0.55 -19.25 -5.56
N ASP A 415 0.06 -20.04 -6.43
CA ASP A 415 0.45 -19.59 -7.77
C ASP A 415 -0.72 -18.99 -8.57
N ILE A 416 -1.93 -19.55 -8.41
CA ILE A 416 -3.04 -19.05 -9.19
C ILE A 416 -3.89 -18.18 -8.30
N HIS A 417 -4.19 -16.98 -8.77
CA HIS A 417 -5.00 -16.03 -8.03
C HIS A 417 -6.15 -15.52 -8.88
N LEU A 418 -7.30 -15.33 -8.25
CA LEU A 418 -8.43 -14.72 -8.91
C LEU A 418 -8.71 -13.37 -8.27
N LEU A 419 -8.62 -12.33 -9.08
CA LEU A 419 -9.02 -11.01 -8.64
C LEU A 419 -10.49 -10.90 -8.94
N VAL A 420 -11.29 -10.70 -7.89
CA VAL A 420 -12.73 -10.72 -8.02
C VAL A 420 -13.27 -9.29 -8.17
N ASP A 421 -14.19 -9.07 -9.10
CA ASP A 421 -14.86 -7.77 -9.17
C ASP A 421 -15.54 -7.35 -7.86
N ARG A 422 -15.51 -6.07 -7.57
CA ARG A 422 -16.22 -5.58 -6.38
C ARG A 422 -17.68 -6.01 -6.49
N ARG A 423 -18.28 -6.38 -5.36
CA ARG A 423 -19.71 -6.73 -5.25
C ARG A 423 -19.97 -8.22 -5.50
N TRP A 424 -18.92 -8.96 -5.88
CA TRP A 424 -19.02 -10.41 -6.23
C TRP A 424 -18.23 -11.33 -5.35
N HIS A 425 -18.58 -12.61 -5.44
CA HIS A 425 -17.85 -13.66 -4.80
C HIS A 425 -17.48 -14.68 -5.87
N VAL A 426 -16.43 -15.43 -5.61
CA VAL A 426 -16.15 -16.65 -6.36
C VAL A 426 -16.22 -17.87 -5.40
N ALA A 427 -16.72 -19.00 -5.92
CA ALA A 427 -16.84 -20.23 -5.15
C ALA A 427 -16.54 -21.41 -6.10
N ARG A 428 -16.25 -22.59 -5.54
CA ARG A 428 -15.89 -23.73 -6.39
C ARG A 428 -17.13 -24.36 -7.09
N LYS A 429 -18.22 -24.52 -6.33
CA LYS A 429 -19.44 -25.23 -6.77
C LYS A 429 -20.66 -24.65 -6.08
N PRO A 430 -21.83 -24.64 -6.75
CA PRO A 430 -23.00 -24.02 -6.13
C PRO A 430 -23.30 -24.56 -4.74
N LEU A 431 -22.95 -25.83 -4.49
CA LEU A 431 -23.21 -26.44 -3.19
C LEU A 431 -22.54 -25.69 -2.03
N ASP A 432 -21.32 -25.21 -2.27
CA ASP A 432 -20.52 -24.46 -1.27
C ASP A 432 -21.24 -23.23 -0.68
N VAL A 433 -22.05 -22.59 -1.52
CA VAL A 433 -22.69 -21.33 -1.16
C VAL A 433 -24.04 -21.49 -0.43
N TYR A 434 -24.87 -22.42 -0.90
CA TYR A 434 -26.15 -22.71 -0.24
C TYR A 434 -26.09 -23.82 0.86
N LYS A 435 -25.03 -24.64 0.85
CA LYS A 435 -24.71 -25.58 1.97
C LYS A 435 -23.62 -25.01 2.90
N LYS A 436 -24.00 -24.04 3.76
CA LYS A 436 -23.08 -23.42 4.73
C LYS A 436 -23.83 -22.59 5.77
N CYS A 441 -28.82 -16.97 1.17
CA CYS A 441 -28.22 -15.65 1.12
C CYS A 441 -28.42 -14.94 2.44
N PHE A 442 -27.61 -15.35 3.40
CA PHE A 442 -27.57 -14.72 4.71
C PHE A 442 -26.99 -13.28 4.67
N PHE A 443 -25.82 -13.12 4.05
CA PHE A 443 -24.99 -11.90 4.17
C PHE A 443 -25.33 -10.89 3.10
N GLN A 444 -25.12 -9.62 3.38
CA GLN A 444 -25.38 -8.58 2.41
C GLN A 444 -24.13 -7.71 2.24
N GLY A 445 -23.08 -7.97 3.04
CA GLY A 445 -21.86 -7.15 2.97
C GLY A 445 -20.63 -8.06 2.96
N ASP A 446 -19.56 -7.70 2.24
CA ASP A 446 -18.26 -8.41 2.39
C ASP A 446 -17.12 -7.49 1.96
N HIS A 447 -15.89 -7.92 2.19
CA HIS A 447 -14.70 -7.11 1.84
C HIS A 447 -13.58 -8.09 1.51
N GLY A 448 -12.47 -7.62 0.95
CA GLY A 448 -11.36 -8.52 0.63
C GLY A 448 -10.84 -8.11 -0.73
N PHE A 449 -11.63 -7.36 -1.49
CA PHE A 449 -11.29 -6.89 -2.84
C PHE A 449 -10.02 -6.04 -2.90
N ASP A 450 -9.55 -5.86 -4.12
CA ASP A 450 -8.48 -4.99 -4.52
C ASP A 450 -8.48 -3.74 -3.62
N ASN A 451 -7.31 -3.39 -3.08
CA ASN A 451 -7.27 -2.26 -2.13
C ASN A 451 -7.42 -0.88 -2.70
N LYS A 452 -7.53 -0.73 -4.02
CA LYS A 452 -7.88 0.59 -4.58
CA LYS A 452 -7.88 0.56 -4.64
C LYS A 452 -9.40 0.83 -4.69
N VAL A 453 -10.20 -0.20 -4.44
CA VAL A 453 -11.68 -0.12 -4.60
C VAL A 453 -12.19 0.87 -3.54
N ASN A 454 -13.00 1.87 -3.94
CA ASN A 454 -13.51 2.89 -3.00
C ASN A 454 -14.22 2.32 -1.77
N SER A 455 -15.08 1.33 -1.96
CA SER A 455 -15.77 0.78 -0.80
C SER A 455 -14.84 0.08 0.23
N MET A 456 -13.64 -0.31 -0.18
CA MET A 456 -12.66 -0.92 0.76
C MET A 456 -11.85 0.11 1.57
N GLN A 457 -11.87 1.39 1.18
CA GLN A 457 -11.14 2.42 1.95
C GLN A 457 -11.66 2.57 3.38
N THR A 458 -10.75 2.93 4.28
CA THR A 458 -11.10 3.02 5.66
C THR A 458 -10.67 4.42 6.20
N VAL A 459 -10.49 4.56 7.51
CA VAL A 459 -10.41 5.88 8.13
C VAL A 459 -9.11 6.05 8.89
N PHE A 460 -8.73 7.30 9.07
CA PHE A 460 -7.64 7.67 9.94
C PHE A 460 -7.98 9.04 10.52
N VAL A 461 -7.92 9.14 11.84
CA VAL A 461 -7.92 10.42 12.53
C VAL A 461 -6.83 10.30 13.59
N GLY A 462 -6.01 11.34 13.72
CA GLY A 462 -5.07 11.41 14.82
C GLY A 462 -5.42 12.66 15.65
N TYR A 463 -5.49 12.47 16.96
CA TYR A 463 -5.88 13.56 17.86
C TYR A 463 -4.94 13.54 19.07
N GLY A 464 -4.30 14.68 19.35
CA GLY A 464 -3.47 14.76 20.56
C GLY A 464 -2.37 15.77 20.39
N PRO A 465 -1.50 15.91 21.40
CA PRO A 465 -0.45 16.92 21.36
C PRO A 465 0.54 16.75 20.22
N THR A 466 0.77 15.53 19.76
CA THR A 466 1.78 15.31 18.73
C THR A 466 1.21 15.46 17.31
N PHE A 467 -0.10 15.33 17.18
CA PHE A 467 -0.78 15.59 15.92
C PHE A 467 -1.06 17.08 15.64
N LYS A 468 -1.27 17.43 14.38
CA LYS A 468 -1.67 18.79 14.10
CA LYS A 468 -1.66 18.79 14.06
C LYS A 468 -3.11 19.11 14.47
N TYR A 469 -3.41 20.40 14.51
CA TYR A 469 -4.70 20.89 14.93
C TYR A 469 -5.52 21.26 13.70
N ARG A 470 -6.79 20.84 13.67
CA ARG A 470 -7.71 21.08 12.55
C ARG A 470 -7.07 20.97 11.18
N THR A 471 -6.43 19.83 10.90
CA THR A 471 -5.66 19.69 9.70
C THR A 471 -6.17 18.51 8.90
N LYS A 472 -6.37 18.71 7.61
CA LYS A 472 -6.68 17.63 6.73
C LYS A 472 -5.43 17.25 5.94
N VAL A 473 -5.17 15.97 5.83
CA VAL A 473 -3.99 15.51 5.08
C VAL A 473 -4.50 14.67 3.92
N PRO A 474 -3.70 14.53 2.85
CA PRO A 474 -4.16 13.66 1.74
C PRO A 474 -4.24 12.17 2.17
N PRO A 475 -5.02 11.37 1.41
CA PRO A 475 -5.10 9.94 1.69
C PRO A 475 -3.70 9.30 1.63
N PHE A 476 -3.47 8.24 2.40
CA PHE A 476 -2.19 7.58 2.47
C PHE A 476 -2.49 6.11 2.82
N GLU A 477 -1.46 5.29 2.76
CA GLU A 477 -1.61 3.83 2.90
C GLU A 477 -1.30 3.44 4.31
N ASN A 478 -2.04 2.46 4.81
CA ASN A 478 -1.78 2.01 6.18
C ASN A 478 -0.38 1.43 6.50
N ILE A 479 0.37 0.99 5.48
CA ILE A 479 1.75 0.56 5.70
C ILE A 479 2.62 1.70 6.28
N GLU A 480 2.17 2.96 6.16
CA GLU A 480 2.98 4.10 6.66
C GLU A 480 2.84 4.34 8.17
N LEU A 481 1.78 3.78 8.76
CA LEU A 481 1.46 4.14 10.17
C LEU A 481 2.42 3.62 11.23
N TYR A 482 2.94 2.41 11.05
CA TYR A 482 3.90 1.86 12.03
C TYR A 482 5.04 2.85 12.32
N ASN A 483 5.62 3.42 11.26
CA ASN A 483 6.71 4.41 11.43
C ASN A 483 6.27 5.61 12.30
N VAL A 484 5.08 6.12 12.02
CA VAL A 484 4.54 7.27 12.74
C VAL A 484 4.24 6.90 14.19
N MET A 485 3.71 5.70 14.42
CA MET A 485 3.47 5.27 15.81
C MET A 485 4.80 5.12 16.53
N CYS A 486 5.83 4.65 15.82
CA CYS A 486 7.15 4.64 16.42
C CYS A 486 7.61 6.06 16.72
N ASP A 487 7.41 7.00 15.79
CA ASP A 487 7.77 8.39 16.04
C ASP A 487 7.01 8.94 17.28
N LEU A 488 5.73 8.61 17.41
CA LEU A 488 4.93 9.13 18.51
C LEU A 488 5.43 8.58 19.86
N LEU A 489 6.12 7.45 19.85
CA LEU A 489 6.56 6.82 21.11
C LEU A 489 8.05 6.97 21.33
N GLY A 490 8.73 7.66 20.41
CA GLY A 490 10.22 7.74 20.49
C GLY A 490 10.96 6.45 20.19
N LEU A 491 10.37 5.55 19.38
CA LEU A 491 10.99 4.27 19.09
C LEU A 491 11.71 4.31 17.75
N LYS A 492 12.74 3.50 17.58
CA LYS A 492 13.34 3.26 16.26
C LYS A 492 12.55 2.14 15.58
N PRO A 493 11.94 2.41 14.39
CA PRO A 493 11.11 1.32 13.79
C PRO A 493 11.96 0.17 13.26
N ALA A 494 11.50 -1.09 13.37
CA ALA A 494 12.14 -2.22 12.65
C ALA A 494 12.02 -1.96 11.12
N PRO A 495 12.89 -2.60 10.29
CA PRO A 495 12.86 -2.38 8.85
C PRO A 495 11.46 -2.69 8.31
N ASN A 496 10.88 -1.76 7.55
CA ASN A 496 9.50 -1.99 7.10
C ASN A 496 9.22 -1.33 5.77
N ASN A 497 7.97 -1.44 5.29
CA ASN A 497 7.63 -0.98 3.92
C ASN A 497 7.12 0.43 3.85
N GLY A 498 6.93 1.05 5.03
CA GLY A 498 6.63 2.47 5.08
C GLY A 498 7.82 3.23 4.49
N THR A 499 7.60 4.51 4.18
CA THR A 499 8.66 5.38 3.71
C THR A 499 8.75 6.44 4.79
N HIS A 500 9.73 6.26 5.66
CA HIS A 500 9.78 7.06 6.89
C HIS A 500 10.07 8.51 6.60
N GLY A 501 9.16 9.36 7.04
CA GLY A 501 9.19 10.78 6.72
C GLY A 501 8.04 11.19 5.81
N SER A 502 7.44 10.23 5.11
CA SER A 502 6.38 10.57 4.15
C SER A 502 5.10 11.06 4.83
N LEU A 503 4.96 10.80 6.13
CA LEU A 503 3.82 11.25 6.90
C LEU A 503 4.20 12.33 7.93
N ASN A 504 5.36 13.00 7.74
CA ASN A 504 5.72 14.12 8.65
C ASN A 504 4.68 15.23 8.71
N HIS A 505 3.99 15.43 7.61
CA HIS A 505 2.96 16.47 7.54
C HIS A 505 1.72 16.19 8.42
N LEU A 506 1.70 15.07 9.10
CA LEU A 506 0.61 14.82 10.07
C LEU A 506 0.96 15.35 11.46
N LEU A 507 2.24 15.64 11.68
CA LEU A 507 2.80 15.79 13.03
C LEU A 507 3.21 17.21 13.36
N ARG A 508 2.84 17.63 14.57
CA ARG A 508 3.29 18.91 15.11
C ARG A 508 4.77 18.85 15.48
N THR A 509 5.23 17.73 16.03
CA THR A 509 6.64 17.57 16.42
C THR A 509 6.96 16.08 16.27
N ASN A 510 8.18 15.68 16.67
CA ASN A 510 8.64 14.27 16.60
C ASN A 510 8.76 13.85 15.16
N THR A 511 8.93 14.83 14.25
CA THR A 511 9.05 14.47 12.84
C THR A 511 10.35 13.66 12.65
N PHE A 512 10.41 12.87 11.59
CA PHE A 512 11.61 12.09 11.33
C PHE A 512 12.25 12.69 10.12
N ARG A 513 13.51 13.10 10.23
CA ARG A 513 14.11 13.85 9.14
C ARG A 513 15.16 13.04 8.40
N PRO A 514 14.75 12.29 7.38
CA PRO A 514 15.73 11.39 6.74
C PRO A 514 16.62 12.15 5.75
N THR A 515 17.76 11.54 5.42
CA THR A 515 18.68 12.04 4.42
C THR A 515 18.46 11.19 3.15
N MET A 516 18.63 11.80 1.99
CA MET A 516 18.52 11.09 0.72
C MET A 516 19.58 9.97 0.69
N PRO A 517 19.21 8.78 0.19
CA PRO A 517 20.25 7.76 0.08
C PRO A 517 21.41 8.22 -0.80
N ASP A 518 22.62 7.83 -0.43
CA ASP A 518 23.81 8.16 -1.23
C ASP A 518 23.87 7.39 -2.55
N GLU A 519 24.29 8.08 -3.62
CA GLU A 519 24.48 7.45 -4.91
C GLU A 519 25.62 6.43 -4.77
N VAL A 520 25.44 5.25 -5.31
CA VAL A 520 26.47 4.24 -5.15
C VAL A 520 27.38 4.22 -6.40
N SER A 521 26.77 4.31 -7.58
CA SER A 521 27.55 4.32 -8.81
C SER A 521 27.48 5.67 -9.49
N ARG A 522 28.64 6.23 -9.84
CA ARG A 522 28.63 7.45 -10.61
C ARG A 522 28.64 7.13 -12.08
N PRO A 523 27.98 7.97 -12.89
CA PRO A 523 27.93 7.65 -14.32
C PRO A 523 29.21 8.01 -15.03
N ASN A 524 29.46 7.37 -16.18
CA ASN A 524 30.44 7.83 -17.16
C ASN A 524 29.72 8.77 -18.11
N TYR A 525 30.42 9.70 -18.75
CA TYR A 525 29.82 10.60 -19.73
C TYR A 525 30.62 10.41 -21.03
N PRO A 526 30.31 9.33 -21.79
CA PRO A 526 31.10 9.01 -22.97
C PRO A 526 30.95 10.05 -24.10
N GLY A 527 32.04 10.33 -24.82
CA GLY A 527 31.94 11.16 -25.99
C GLY A 527 31.98 10.23 -27.20
N ILE A 528 32.22 10.80 -28.38
CA ILE A 528 32.22 10.01 -29.61
C ILE A 528 33.53 9.21 -29.66
N MET A 529 33.44 7.87 -29.67
CA MET A 529 34.61 7.00 -29.46
CA MET A 529 34.63 7.02 -29.48
C MET A 529 34.71 5.84 -30.46
N TYR A 530 33.68 5.67 -31.29
CA TYR A 530 33.61 4.49 -32.17
C TYR A 530 33.18 4.96 -33.55
N LEU A 531 33.81 4.36 -34.55
CA LEU A 531 33.41 4.60 -35.92
C LEU A 531 32.27 3.65 -36.30
N GLN A 532 31.39 4.14 -37.16
CA GLN A 532 30.25 3.38 -37.65
C GLN A 532 30.61 1.94 -38.07
N SER A 533 31.76 1.78 -38.72
CA SER A 533 32.08 0.48 -39.32
C SER A 533 32.55 -0.54 -38.30
N GLU A 534 32.83 -0.11 -37.07
CA GLU A 534 33.13 -1.08 -36.00
C GLU A 534 31.88 -1.85 -35.56
N PHE A 535 30.69 -1.38 -35.94
CA PHE A 535 29.47 -2.08 -35.52
C PHE A 535 29.03 -3.11 -36.55
N ASP A 536 28.83 -4.33 -36.09
CA ASP A 536 28.32 -5.40 -36.95
C ASP A 536 27.04 -5.92 -36.27
N LEU A 537 25.93 -5.27 -36.52
CA LEU A 537 24.79 -5.51 -35.65
C LEU A 537 23.60 -6.02 -36.42
N GLY A 538 23.75 -6.14 -37.74
CA GLY A 538 22.66 -6.60 -38.62
C GLY A 538 21.64 -5.49 -38.70
N CYS A 539 22.03 -4.33 -38.17
CA CYS A 539 21.19 -3.15 -38.12
C CYS A 539 21.46 -2.30 -39.33
N THR A 540 20.39 -1.78 -39.91
CA THR A 540 20.45 -0.90 -41.06
C THR A 540 19.60 0.33 -40.77
N CYS A 541 20.01 1.45 -41.34
CA CYS A 541 19.19 2.64 -41.34
C CYS A 541 19.45 3.42 -42.63
N ASP A 542 18.38 3.83 -43.30
CA ASP A 542 18.47 4.66 -44.51
C ASP A 542 18.89 6.09 -44.09
N ASP A 543 20.19 6.23 -43.86
CA ASP A 543 20.78 7.35 -43.15
C ASP A 543 21.42 8.40 -44.07
N ASN A 549 27.12 22.28 -42.99
CA ASN A 549 26.60 23.42 -42.24
C ASN A 549 27.29 23.55 -40.89
N LYS A 550 27.79 24.75 -40.57
CA LYS A 550 28.48 24.99 -39.29
C LYS A 550 27.64 25.66 -38.17
N LEU A 551 26.59 26.39 -38.54
CA LEU A 551 25.60 26.95 -37.58
C LEU A 551 24.96 25.78 -36.81
N GLU A 552 24.38 24.87 -37.60
CA GLU A 552 23.64 23.73 -37.11
C GLU A 552 24.56 22.59 -36.61
N GLU A 553 25.85 22.65 -36.95
CA GLU A 553 26.79 21.60 -36.53
C GLU A 553 27.34 21.80 -35.12
N LEU A 554 27.63 23.04 -34.75
CA LEU A 554 27.98 23.36 -33.35
C LEU A 554 26.75 23.07 -32.50
N ASN A 555 25.58 23.32 -33.08
CA ASN A 555 24.28 23.07 -32.47
C ASN A 555 24.04 21.61 -32.03
N LYS A 556 24.27 20.65 -32.93
CA LYS A 556 24.13 19.22 -32.59
C LYS A 556 25.14 18.73 -31.54
N ARG A 557 26.36 19.26 -31.57
CA ARG A 557 27.39 18.89 -30.58
C ARG A 557 27.00 19.34 -29.18
N LEU A 558 26.35 20.51 -29.09
CA LEU A 558 25.98 21.05 -27.77
C LEU A 558 24.83 20.22 -27.17
N HIS A 559 23.93 19.72 -28.04
CA HIS A 559 22.85 18.86 -27.60
C HIS A 559 23.42 17.54 -27.08
N THR A 560 24.38 17.00 -27.82
CA THR A 560 25.06 15.79 -27.37
C THR A 560 25.88 16.03 -26.09
N LYS A 561 26.24 17.29 -25.81
CA LYS A 561 27.00 17.65 -24.59
C LYS A 561 26.08 17.99 -23.43
N GLY A 562 24.78 18.02 -23.69
CA GLY A 562 23.83 18.22 -22.58
C GLY A 562 23.24 19.61 -22.48
N SER A 563 23.21 20.32 -23.61
CA SER A 563 22.67 21.69 -23.64
C SER A 563 21.15 21.83 -23.37
N THR A 564 20.35 20.80 -23.68
CA THR A 564 18.90 20.85 -23.38
C THR A 564 18.53 20.07 -22.11
N LYS A 565 19.54 19.57 -21.40
CA LYS A 565 19.32 18.63 -20.27
C LYS A 565 18.42 19.21 -19.19
N GLU A 566 18.46 20.53 -19.03
CA GLU A 566 17.66 21.22 -18.03
C GLU A 566 16.17 21.25 -18.42
N ARG A 567 15.87 21.04 -19.70
CA ARG A 567 14.48 20.93 -20.18
C ARG A 567 13.93 19.51 -19.88
N HIS A 568 14.79 18.51 -20.08
CA HIS A 568 14.33 17.11 -20.05
C HIS A 568 14.62 16.37 -18.77
N LEU A 569 15.57 16.85 -17.97
CA LEU A 569 15.84 16.34 -16.64
C LEU A 569 15.45 17.36 -15.59
N LEU A 570 14.16 17.47 -15.30
CA LEU A 570 13.66 18.57 -14.49
C LEU A 570 13.96 18.49 -13.00
N TYR A 571 14.23 17.29 -12.48
CA TYR A 571 14.35 17.12 -11.05
C TYR A 571 15.67 16.45 -10.74
N GLY A 572 16.64 16.65 -11.63
CA GLY A 572 17.99 16.07 -11.49
C GLY A 572 18.03 14.67 -12.07
N ARG A 573 19.22 14.12 -12.29
CA ARG A 573 19.22 12.71 -12.71
C ARG A 573 18.89 11.80 -11.53
N PRO A 574 18.24 10.65 -11.79
CA PRO A 574 18.04 9.64 -10.76
C PRO A 574 19.39 9.16 -10.22
N ALA A 575 19.45 8.86 -8.94
CA ALA A 575 20.65 8.31 -8.36
C ALA A 575 20.60 6.77 -8.47
N VAL A 576 21.72 6.17 -8.83
CA VAL A 576 21.82 4.73 -8.89
C VAL A 576 22.30 4.21 -7.54
N LEU A 577 21.45 3.43 -6.86
CA LEU A 577 21.75 3.02 -5.48
C LEU A 577 22.39 1.64 -5.38
N TYR A 578 22.99 1.17 -6.45
CA TYR A 578 23.68 -0.11 -6.38
C TYR A 578 24.92 0.00 -7.27
N ARG A 579 25.81 -0.97 -7.15
CA ARG A 579 27.07 -0.92 -7.88
CA ARG A 579 27.07 -0.93 -7.90
C ARG A 579 26.87 -1.40 -9.33
N THR A 580 27.16 -0.55 -10.31
CA THR A 580 27.00 -0.96 -11.69
C THR A 580 27.80 -0.06 -12.59
N SER A 581 27.80 -0.31 -13.88
CA SER A 581 28.47 0.62 -14.76
CA SER A 581 28.49 0.55 -14.82
C SER A 581 27.48 1.14 -15.80
N TYR A 582 27.37 2.46 -15.84
CA TYR A 582 26.43 3.03 -16.76
C TYR A 582 26.93 4.39 -17.27
N ASP A 583 26.28 4.86 -18.33
CA ASP A 583 26.67 6.08 -19.02
C ASP A 583 25.50 7.03 -19.10
N ILE A 584 25.75 8.31 -18.89
CA ILE A 584 24.71 9.30 -19.23
C ILE A 584 24.84 9.68 -20.70
N LEU A 585 23.73 9.65 -21.44
CA LEU A 585 23.69 9.96 -22.85
C LEU A 585 22.73 11.13 -23.03
N TYR A 586 23.23 12.19 -23.63
CA TYR A 586 22.41 13.40 -23.87
C TYR A 586 21.94 13.48 -25.31
N HIS A 587 20.74 14.04 -25.50
CA HIS A 587 20.18 14.21 -26.83
C HIS A 587 19.31 15.45 -26.80
N THR A 588 18.96 15.94 -27.97
CA THR A 588 18.07 17.11 -28.06
C THR A 588 16.79 16.93 -27.26
N ASP A 589 16.14 15.78 -27.44
CA ASP A 589 14.78 15.57 -26.92
C ASP A 589 14.70 14.73 -25.64
N PHE A 590 15.80 14.12 -25.21
CA PHE A 590 15.78 13.18 -24.09
C PHE A 590 17.17 12.91 -23.56
N GLU A 591 17.25 12.57 -22.28
CA GLU A 591 18.49 12.11 -21.67
C GLU A 591 18.25 10.70 -21.07
N SER A 592 19.30 9.87 -21.05
CA SER A 592 19.15 8.49 -20.57
C SER A 592 20.37 8.09 -19.75
N GLY A 593 20.18 7.15 -18.84
CA GLY A 593 21.26 6.56 -18.06
C GLY A 593 21.29 5.15 -18.64
N TYR A 594 22.33 4.86 -19.41
CA TYR A 594 22.43 3.62 -20.21
C TYR A 594 23.28 2.56 -19.50
N SER A 595 22.70 1.39 -19.25
CA SER A 595 23.40 0.34 -18.56
C SER A 595 24.29 -0.52 -19.49
N GLU A 596 25.60 -0.57 -19.22
CA GLU A 596 26.48 -1.40 -20.01
C GLU A 596 26.32 -2.87 -19.64
N ILE A 597 25.66 -3.13 -18.51
CA ILE A 597 25.47 -4.47 -18.02
C ILE A 597 24.20 -5.07 -18.63
N PHE A 598 23.11 -4.33 -18.62
CA PHE A 598 21.83 -4.79 -19.18
C PHE A 598 21.63 -4.43 -20.64
N LEU A 599 22.60 -3.70 -21.22
CA LEU A 599 22.58 -3.28 -22.64
C LEU A 599 21.32 -2.44 -23.02
N MET A 600 20.84 -1.62 -22.08
CA MET A 600 19.71 -0.72 -22.39
C MET A 600 19.63 0.32 -21.29
N PRO A 601 18.79 1.33 -21.48
CA PRO A 601 18.66 2.35 -20.43
C PRO A 601 18.04 1.84 -19.15
N LEU A 602 18.54 2.32 -18.01
CA LEU A 602 17.85 2.12 -16.75
C LEU A 602 16.70 3.10 -16.66
N TRP A 603 16.87 4.23 -17.35
CA TRP A 603 15.92 5.33 -17.30
C TRP A 603 16.14 6.20 -18.51
N THR A 604 15.04 6.78 -19.00
CA THR A 604 15.06 7.75 -20.11
C THR A 604 14.14 8.87 -19.68
N SER A 605 14.59 10.13 -19.79
CA SER A 605 13.84 11.25 -19.25
C SER A 605 13.59 12.26 -20.36
N TYR A 606 12.36 12.72 -20.48
CA TYR A 606 12.05 13.73 -21.49
C TYR A 606 10.83 14.55 -21.09
N THR A 607 10.77 15.79 -21.56
CA THR A 607 9.62 16.66 -21.28
C THR A 607 8.87 17.00 -22.57
N ILE A 608 7.54 16.96 -22.49
CA ILE A 608 6.63 17.18 -23.59
C ILE A 608 5.77 18.37 -23.14
N SER A 609 5.88 19.49 -23.82
CA SER A 609 5.09 20.65 -23.43
C SER A 609 3.65 20.52 -23.96
N LYS A 610 2.77 21.36 -23.43
CA LYS A 610 1.39 21.40 -23.92
C LYS A 610 1.29 21.59 -25.45
N GLN A 611 2.20 22.38 -26.01
CA GLN A 611 2.21 22.70 -27.46
C GLN A 611 2.87 21.66 -28.38
N ALA A 612 3.51 20.65 -27.80
CA ALA A 612 4.29 19.70 -28.60
C ALA A 612 3.43 19.02 -29.66
N GLU A 613 4.06 18.63 -30.77
CA GLU A 613 3.36 17.98 -31.88
C GLU A 613 3.78 16.52 -32.03
N VAL A 614 2.80 15.69 -32.40
CA VAL A 614 3.01 14.27 -32.70
C VAL A 614 3.25 14.20 -34.20
N SER A 615 4.35 13.56 -34.58
CA SER A 615 4.61 13.30 -35.98
C SER A 615 4.73 11.80 -36.12
N SER A 616 4.82 11.33 -37.35
CA SER A 616 4.85 9.90 -37.61
C SER A 616 6.29 9.47 -37.91
N ILE A 617 6.52 8.17 -37.89
CA ILE A 617 7.83 7.64 -38.27
C ILE A 617 7.95 7.68 -39.81
N PRO A 618 8.91 8.48 -40.33
CA PRO A 618 9.08 8.54 -41.78
C PRO A 618 9.47 7.18 -42.35
N GLU A 619 9.02 6.89 -43.57
CA GLU A 619 9.16 5.57 -44.21
C GLU A 619 10.62 5.12 -44.32
N HIS A 620 11.51 6.05 -44.62
CA HIS A 620 12.92 5.72 -44.75
C HIS A 620 13.55 5.29 -43.41
N LEU A 621 12.78 5.39 -42.33
CA LEU A 621 13.27 5.04 -40.99
C LEU A 621 12.49 3.96 -40.27
N THR A 622 11.65 3.20 -41.00
CA THR A 622 10.71 2.28 -40.32
C THR A 622 11.38 1.15 -39.52
N ASN A 623 12.45 0.60 -40.05
CA ASN A 623 13.20 -0.47 -39.38
C ASN A 623 14.65 -0.04 -39.19
N CYS A 624 14.82 1.27 -39.17
CA CYS A 624 16.11 1.87 -38.92
C CYS A 624 16.50 1.64 -37.44
N VAL A 625 17.71 1.15 -37.22
CA VAL A 625 18.33 1.22 -35.89
C VAL A 625 19.72 1.73 -36.19
N ARG A 626 20.16 2.77 -35.45
CA ARG A 626 21.47 3.40 -35.74
C ARG A 626 22.47 3.06 -34.63
N PRO A 627 23.72 2.72 -35.00
CA PRO A 627 24.70 2.53 -33.96
C PRO A 627 24.94 3.84 -33.20
N ASP A 628 25.24 3.76 -31.90
CA ASP A 628 25.50 4.95 -31.11
C ASP A 628 27.00 5.03 -30.93
N VAL A 629 27.61 6.04 -31.56
CA VAL A 629 29.09 6.12 -31.60
C VAL A 629 29.73 6.49 -30.25
N ARG A 630 28.91 6.73 -29.22
CA ARG A 630 29.45 6.91 -27.87
C ARG A 630 29.59 5.59 -27.10
N VAL A 631 28.97 4.50 -27.60
CA VAL A 631 28.82 3.27 -26.82
C VAL A 631 29.36 2.08 -27.63
N SER A 632 30.27 1.32 -27.04
N SER A 632 30.24 1.31 -27.01
CA SER A 632 30.95 0.26 -27.79
CA SER A 632 30.91 0.21 -27.69
C SER A 632 29.97 -0.74 -28.39
C SER A 632 29.94 -0.79 -28.36
N PRO A 633 30.33 -1.34 -29.53
CA PRO A 633 29.59 -2.46 -30.12
C PRO A 633 29.32 -3.54 -29.07
N GLY A 634 30.32 -3.82 -28.24
CA GLY A 634 30.21 -4.87 -27.23
C GLY A 634 29.27 -4.58 -26.08
N PHE A 635 28.88 -3.32 -25.89
CA PHE A 635 27.86 -2.92 -24.89
C PHE A 635 26.59 -2.45 -25.58
N SER A 636 26.39 -2.93 -26.81
CA SER A 636 25.21 -2.54 -27.57
C SER A 636 24.35 -3.77 -27.83
N GLN A 637 23.06 -3.52 -28.04
CA GLN A 637 22.15 -4.52 -28.59
C GLN A 637 22.46 -4.72 -30.08
N ASN A 638 21.83 -5.70 -30.71
CA ASN A 638 22.03 -5.93 -32.15
C ASN A 638 20.73 -6.39 -32.76
N CYS A 639 20.51 -6.02 -34.01
CA CYS A 639 19.23 -6.27 -34.69
C CYS A 639 19.09 -7.71 -35.08
N LEU A 640 20.20 -8.40 -35.32
CA LEU A 640 20.15 -9.80 -35.72
C LEU A 640 19.45 -10.69 -34.67
N ALA A 641 19.72 -10.44 -33.40
CA ALA A 641 19.08 -11.20 -32.32
C ALA A 641 17.57 -11.09 -32.39
N TYR A 642 17.05 -9.89 -32.64
CA TYR A 642 15.61 -9.67 -32.80
C TYR A 642 15.04 -10.37 -34.03
N LYS A 643 15.79 -10.34 -35.11
CA LYS A 643 15.44 -11.01 -36.35
C LYS A 643 15.34 -12.51 -36.06
N ASN A 644 16.34 -13.08 -35.41
CA ASN A 644 16.30 -14.49 -35.08
C ASN A 644 15.20 -14.87 -34.11
N ASP A 645 14.90 -13.99 -33.16
CA ASP A 645 13.95 -14.31 -32.09
C ASP A 645 12.56 -14.09 -32.66
N LYS A 646 11.89 -15.19 -32.95
CA LYS A 646 10.58 -15.11 -33.61
C LYS A 646 9.48 -14.60 -32.69
N GLN A 647 9.72 -14.61 -31.39
CA GLN A 647 8.71 -14.18 -30.42
C GLN A 647 8.90 -12.70 -30.02
N MET A 648 10.15 -12.22 -30.11
CA MET A 648 10.53 -10.94 -29.50
C MET A 648 10.75 -9.89 -30.58
N SER A 649 10.16 -8.72 -30.40
CA SER A 649 10.48 -7.58 -31.26
C SER A 649 11.14 -6.49 -30.36
N TYR A 650 11.06 -5.23 -30.75
CA TYR A 650 11.70 -4.18 -30.00
C TYR A 650 10.88 -2.90 -30.09
N GLY A 651 11.04 -2.04 -29.08
CA GLY A 651 10.44 -0.73 -29.06
C GLY A 651 11.49 0.28 -28.62
N PHE A 652 11.05 1.51 -28.38
CA PHE A 652 11.92 2.61 -28.01
C PHE A 652 11.40 3.28 -26.73
N LEU A 653 12.34 3.72 -25.88
CA LEU A 653 11.94 4.33 -24.65
C LEU A 653 11.56 5.78 -24.83
N PHE A 654 12.39 6.56 -25.53
CA PHE A 654 11.90 7.84 -26.00
C PHE A 654 11.17 7.59 -27.32
N PRO A 655 9.90 8.03 -27.41
CA PRO A 655 9.09 7.72 -28.59
C PRO A 655 9.50 8.59 -29.81
N PRO A 656 9.85 7.95 -30.95
CA PRO A 656 10.15 8.75 -32.12
C PRO A 656 8.98 9.69 -32.50
N TYR A 657 7.73 9.31 -32.14
CA TYR A 657 6.54 10.13 -32.51
C TYR A 657 6.62 11.52 -31.96
N LEU A 658 7.38 11.72 -30.88
CA LEU A 658 7.38 12.98 -30.18
C LEU A 658 8.67 13.81 -30.37
N SER A 659 9.46 13.46 -31.39
CA SER A 659 10.68 14.22 -31.70
CA SER A 659 10.68 14.21 -31.71
C SER A 659 10.38 15.68 -32.01
N SER A 660 11.32 16.56 -31.68
CA SER A 660 11.06 18.01 -31.79
C SER A 660 11.30 18.54 -33.20
N SER A 661 12.01 17.78 -34.03
CA SER A 661 12.36 18.21 -35.37
C SER A 661 12.73 16.96 -36.15
N PRO A 662 12.65 17.01 -37.50
CA PRO A 662 13.13 15.88 -38.29
C PRO A 662 14.59 15.49 -38.00
N GLU A 663 15.46 16.45 -37.72
CA GLU A 663 16.86 16.09 -37.42
C GLU A 663 17.00 15.38 -36.06
N ALA A 664 16.28 15.86 -35.05
CA ALA A 664 16.29 15.21 -33.72
C ALA A 664 15.66 13.81 -33.78
N LYS A 665 14.81 13.55 -34.75
CA LYS A 665 14.18 12.24 -34.83
C LYS A 665 15.16 11.07 -35.02
N TYR A 666 16.28 11.32 -35.69
CA TYR A 666 17.29 10.27 -35.86
C TYR A 666 17.79 9.74 -34.52
N ASP A 667 17.84 10.60 -33.50
CA ASP A 667 18.37 10.20 -32.17
C ASP A 667 17.47 9.11 -31.58
N ALA A 668 16.16 9.19 -31.83
CA ALA A 668 15.22 8.24 -31.25
C ALA A 668 15.43 6.86 -31.85
N PHE A 669 16.16 6.77 -32.97
CA PHE A 669 16.44 5.45 -33.54
C PHE A 669 17.80 4.88 -33.14
N LEU A 670 18.48 5.52 -32.21
CA LEU A 670 19.73 4.93 -31.67
C LEU A 670 19.49 3.58 -31.03
N VAL A 671 20.45 2.68 -31.21
CA VAL A 671 20.39 1.34 -30.66
C VAL A 671 20.34 1.42 -29.12
N THR A 672 20.88 2.50 -28.58
CA THR A 672 20.87 2.74 -27.13
C THR A 672 19.52 3.25 -26.61
N ASN A 673 18.54 3.52 -27.48
CA ASN A 673 17.17 3.85 -27.07
C ASN A 673 16.20 2.64 -27.28
N MET A 674 16.71 1.53 -27.77
CA MET A 674 15.91 0.34 -28.11
CA MET A 674 15.82 0.40 -28.07
C MET A 674 15.75 -0.58 -26.90
N VAL A 675 14.58 -1.19 -26.72
CA VAL A 675 14.38 -2.21 -25.66
C VAL A 675 13.57 -3.39 -26.23
N PRO A 676 13.78 -4.60 -25.67
CA PRO A 676 13.03 -5.74 -26.20
C PRO A 676 11.55 -5.63 -25.81
N MET A 677 10.67 -5.84 -26.80
CA MET A 677 9.22 -5.85 -26.56
C MET A 677 8.52 -6.93 -27.39
N TYR A 678 7.71 -7.74 -26.74
CA TYR A 678 6.82 -8.68 -27.41
C TYR A 678 5.90 -7.89 -28.32
N PRO A 679 5.55 -8.42 -29.50
CA PRO A 679 4.57 -7.68 -30.35
C PRO A 679 3.25 -7.36 -29.66
N ALA A 680 2.77 -8.26 -28.81
CA ALA A 680 1.53 -7.98 -28.11
C ALA A 680 1.67 -6.74 -27.19
N PHE A 681 2.83 -6.60 -26.55
CA PHE A 681 3.08 -5.44 -25.68
C PHE A 681 3.28 -4.18 -26.48
N LYS A 682 3.90 -4.30 -27.65
CA LYS A 682 4.09 -3.13 -28.49
C LYS A 682 2.77 -2.42 -28.83
N ARG A 683 1.65 -3.14 -28.88
CA ARG A 683 0.34 -2.50 -29.08
C ARG A 683 0.04 -1.55 -27.93
N VAL A 684 0.32 -2.00 -26.71
CA VAL A 684 0.13 -1.16 -25.51
C VAL A 684 1.06 0.06 -25.56
N TRP A 685 2.33 -0.23 -25.79
CA TRP A 685 3.37 0.76 -25.67
C TRP A 685 3.23 1.86 -26.73
N ALA A 686 2.93 1.44 -27.95
CA ALA A 686 2.73 2.37 -29.05
C ALA A 686 1.56 3.32 -28.79
N TYR A 687 0.48 2.78 -28.24
CA TYR A 687 -0.68 3.60 -27.94
C TYR A 687 -0.39 4.63 -26.80
N PHE A 688 0.27 4.15 -25.76
CA PHE A 688 0.78 5.05 -24.71
C PHE A 688 1.66 6.15 -25.29
N GLN A 689 2.63 5.78 -26.10
CA GLN A 689 3.58 6.79 -26.63
C GLN A 689 2.97 7.74 -27.68
N ARG A 690 2.21 7.20 -28.63
CA ARG A 690 1.65 7.97 -29.77
C ARG A 690 0.43 8.84 -29.35
N VAL A 691 -0.38 8.32 -28.46
CA VAL A 691 -1.65 8.95 -28.10
C VAL A 691 -1.65 9.51 -26.69
N LEU A 692 -1.33 8.66 -25.71
CA LEU A 692 -1.56 9.07 -24.34
C LEU A 692 -0.62 10.12 -23.81
N VAL A 693 0.68 10.04 -24.11
CA VAL A 693 1.59 11.05 -23.58
C VAL A 693 1.13 12.44 -24.00
N LYS A 694 0.78 12.62 -25.27
CA LYS A 694 0.34 13.94 -25.75
C LYS A 694 -0.94 14.37 -25.03
N LYS A 695 -1.82 13.40 -24.76
CA LYS A 695 -3.06 13.73 -24.08
C LYS A 695 -2.77 14.21 -22.68
N TYR A 696 -1.89 13.50 -21.96
CA TYR A 696 -1.48 13.97 -20.65
C TYR A 696 -0.85 15.36 -20.72
N ALA A 697 0.02 15.61 -21.70
CA ALA A 697 0.68 16.93 -21.83
C ALA A 697 -0.37 18.04 -22.02
N SER A 698 -1.41 17.76 -22.80
CA SER A 698 -2.54 18.74 -22.99
C SER A 698 -3.31 18.97 -21.69
N GLU A 699 -3.68 17.90 -21.02
CA GLU A 699 -4.46 17.99 -19.79
C GLU A 699 -3.73 18.57 -18.61
N ARG A 700 -2.42 18.35 -18.52
CA ARG A 700 -1.64 18.74 -17.34
C ARG A 700 -0.75 19.96 -17.56
N ASN A 701 -0.77 20.50 -18.77
CA ASN A 701 0.07 21.66 -19.14
C ASN A 701 1.56 21.26 -19.21
N GLY A 702 1.82 20.26 -20.04
CA GLY A 702 3.16 19.71 -20.15
C GLY A 702 3.31 18.56 -19.15
N VAL A 703 4.12 17.55 -19.50
CA VAL A 703 4.52 16.51 -18.58
C VAL A 703 6.00 16.16 -18.77
N ASN A 704 6.63 15.82 -17.65
CA ASN A 704 7.95 15.21 -17.72
C ASN A 704 7.74 13.71 -17.56
N VAL A 705 8.37 12.94 -18.43
CA VAL A 705 8.23 11.50 -18.39
C VAL A 705 9.59 10.84 -18.16
N ILE A 706 9.64 9.90 -17.22
CA ILE A 706 10.80 9.02 -17.10
C ILE A 706 10.30 7.59 -17.28
N SER A 707 10.85 6.92 -18.30
CA SER A 707 10.47 5.53 -18.61
C SER A 707 11.68 4.61 -18.50
N GLY A 708 11.44 3.31 -18.34
CA GLY A 708 12.53 2.36 -18.30
C GLY A 708 12.02 0.94 -18.10
N PRO A 709 12.94 0.00 -18.12
CA PRO A 709 12.60 -1.40 -17.91
C PRO A 709 12.66 -1.76 -16.41
N ILE A 710 11.97 -2.84 -16.05
CA ILE A 710 12.06 -3.46 -14.70
C ILE A 710 12.30 -4.95 -14.90
N PHE A 711 13.16 -5.51 -14.04
CA PHE A 711 13.42 -6.97 -14.07
C PHE A 711 13.11 -7.47 -12.69
N ASP A 712 12.01 -8.20 -12.56
CA ASP A 712 11.66 -8.81 -11.29
C ASP A 712 11.23 -10.28 -11.49
N TYR A 713 12.18 -11.10 -11.91
CA TYR A 713 11.88 -12.51 -12.21
C TYR A 713 11.51 -13.36 -10.99
N ASN A 714 11.95 -12.96 -9.80
CA ASN A 714 11.57 -13.70 -8.59
C ASN A 714 10.44 -13.00 -7.80
N TYR A 715 9.76 -12.06 -8.46
CA TYR A 715 8.56 -11.37 -7.95
C TYR A 715 8.63 -10.97 -6.48
N ASP A 716 9.76 -10.39 -6.07
CA ASP A 716 9.90 -9.97 -4.68
C ASP A 716 9.76 -8.44 -4.56
N GLY A 717 9.48 -7.77 -5.67
CA GLY A 717 9.23 -6.32 -5.65
C GLY A 717 10.54 -5.54 -5.68
N LEU A 718 11.66 -6.27 -5.79
CA LEU A 718 12.97 -5.68 -5.77
C LEU A 718 13.76 -5.93 -7.05
N ARG A 719 14.62 -4.95 -7.38
CA ARG A 719 15.51 -5.01 -8.57
C ARG A 719 16.24 -6.35 -8.64
N ASP A 720 16.14 -7.06 -9.75
CA ASP A 720 16.95 -8.29 -9.94
C ASP A 720 18.41 -7.96 -10.22
N THR A 721 19.33 -8.74 -9.66
CA THR A 721 20.72 -8.69 -10.15
C THR A 721 20.80 -9.41 -11.51
N GLU A 722 21.87 -9.21 -12.27
CA GLU A 722 21.96 -9.86 -13.60
C GLU A 722 21.92 -11.39 -13.57
N ASP A 723 22.35 -11.99 -12.47
CA ASP A 723 22.23 -13.45 -12.35
C ASP A 723 20.82 -14.00 -12.02
N GLU A 724 19.82 -13.13 -11.89
CA GLU A 724 18.45 -13.55 -11.65
C GLU A 724 17.58 -13.53 -12.89
N ILE A 725 18.15 -13.08 -14.00
CA ILE A 725 17.40 -12.91 -15.22
C ILE A 725 17.11 -14.25 -15.86
N LYS A 726 15.83 -14.54 -16.09
CA LYS A 726 15.43 -15.85 -16.61
C LYS A 726 15.25 -15.90 -18.13
N GLN A 727 15.20 -14.76 -18.79
CA GLN A 727 14.96 -14.77 -20.24
C GLN A 727 15.76 -13.69 -20.96
N TYR A 728 16.31 -14.08 -22.14
CA TYR A 728 17.16 -13.25 -22.97
C TYR A 728 16.60 -13.30 -24.38
N VAL A 729 16.88 -12.27 -25.18
CA VAL A 729 16.51 -12.28 -26.60
C VAL A 729 17.37 -13.41 -27.20
N GLU A 730 16.72 -14.29 -27.97
CA GLU A 730 17.35 -15.51 -28.48
C GLU A 730 18.76 -15.29 -28.99
N GLY A 731 19.71 -16.01 -28.39
CA GLY A 731 21.07 -16.04 -28.89
C GLY A 731 21.89 -14.82 -28.51
N SER A 732 21.45 -14.05 -27.51
CA SER A 732 22.17 -12.83 -27.13
C SER A 732 22.24 -12.69 -25.63
N SER A 733 22.91 -11.64 -25.19
CA SER A 733 22.95 -11.30 -23.79
C SER A 733 21.97 -10.17 -23.45
N ILE A 734 21.00 -9.93 -24.32
CA ILE A 734 20.02 -8.86 -24.09
C ILE A 734 18.94 -9.43 -23.15
N PRO A 735 18.82 -8.92 -21.91
CA PRO A 735 17.87 -9.43 -20.93
C PRO A 735 16.47 -8.91 -21.20
N VAL A 736 15.44 -9.70 -20.91
CA VAL A 736 14.08 -9.31 -21.28
C VAL A 736 13.41 -8.75 -20.01
N PRO A 737 12.94 -7.50 -20.06
CA PRO A 737 12.28 -6.96 -18.84
C PRO A 737 10.98 -7.70 -18.51
N THR A 738 10.65 -7.79 -17.23
CA THR A 738 9.35 -8.33 -16.86
C THR A 738 8.29 -7.21 -16.93
N HIS A 739 8.71 -5.94 -16.84
CA HIS A 739 7.76 -4.83 -16.81
C HIS A 739 8.41 -3.62 -17.43
N TYR A 740 7.58 -2.65 -17.85
CA TYR A 740 8.07 -1.31 -18.23
C TYR A 740 7.37 -0.27 -17.41
N TYR A 741 8.14 0.68 -16.87
CA TYR A 741 7.52 1.73 -16.00
C TYR A 741 7.51 3.05 -16.73
N SER A 742 6.64 3.95 -16.27
CA SER A 742 6.77 5.38 -16.61
C SER A 742 6.31 6.20 -15.42
N ILE A 743 7.01 7.31 -15.18
CA ILE A 743 6.67 8.26 -14.14
C ILE A 743 6.35 9.57 -14.85
N ILE A 744 5.14 10.07 -14.65
CA ILE A 744 4.70 11.24 -15.41
C ILE A 744 4.44 12.38 -14.43
N THR A 745 5.25 13.42 -14.48
CA THR A 745 5.26 14.45 -13.45
C THR A 745 4.85 15.80 -14.12
N SER A 746 4.06 16.61 -13.42
CA SER A 746 3.72 17.95 -13.88
C SER A 746 3.54 18.84 -12.65
N CYS A 747 3.11 20.09 -12.85
CA CYS A 747 2.92 21.02 -11.77
C CYS A 747 1.54 20.80 -11.15
N LEU A 748 1.47 20.80 -9.81
CA LEU A 748 0.19 20.57 -9.16
C LEU A 748 -0.77 21.73 -9.54
N ASP A 749 -0.24 22.93 -9.59
CA ASP A 749 -0.95 24.11 -10.15
C ASP A 749 -0.77 24.07 -11.68
N PHE A 750 -1.75 23.49 -12.38
CA PHE A 750 -1.67 23.24 -13.83
C PHE A 750 -1.73 24.51 -14.69
N THR A 751 -1.78 25.68 -14.07
CA THR A 751 -1.69 26.92 -14.85
C THR A 751 -0.22 27.26 -15.06
N GLN A 752 0.66 26.52 -14.41
CA GLN A 752 2.09 26.65 -14.67
C GLN A 752 2.56 25.45 -15.47
N PRO A 753 3.33 25.67 -16.54
CA PRO A 753 3.81 24.54 -17.34
C PRO A 753 4.80 23.68 -16.57
N ALA A 754 4.88 22.41 -16.92
CA ALA A 754 5.68 21.43 -16.17
C ALA A 754 7.10 21.91 -16.02
N ASP A 755 7.68 22.44 -17.10
CA ASP A 755 9.07 22.94 -17.03
C ASP A 755 9.29 24.27 -16.29
N LYS A 756 8.23 24.93 -15.86
CA LYS A 756 8.39 26.19 -15.13
C LYS A 756 7.49 26.22 -13.92
N CYS A 757 7.58 25.18 -13.09
CA CYS A 757 6.67 24.98 -11.97
C CYS A 757 7.30 25.54 -10.70
N ASP A 758 6.56 26.34 -9.94
CA ASP A 758 7.15 27.00 -8.75
C ASP A 758 6.98 26.24 -7.46
N GLY A 759 5.93 25.44 -7.38
CA GLY A 759 5.56 24.83 -6.13
C GLY A 759 5.46 23.31 -6.20
N PRO A 760 4.48 22.75 -5.49
CA PRO A 760 4.34 21.28 -5.41
C PRO A 760 4.03 20.59 -6.76
N LEU A 761 4.39 19.31 -6.85
CA LEU A 761 4.30 18.56 -8.09
C LEU A 761 3.09 17.65 -8.09
N SER A 762 2.73 17.14 -9.25
CA SER A 762 1.68 16.14 -9.39
C SER A 762 2.28 14.95 -10.19
N VAL A 763 1.97 13.72 -9.80
CA VAL A 763 2.60 12.55 -10.43
C VAL A 763 1.57 11.45 -10.62
N SER A 764 1.68 10.75 -11.74
CA SER A 764 1.07 9.43 -11.90
C SER A 764 2.11 8.51 -12.53
N SER A 765 2.03 7.22 -12.21
CA SER A 765 3.02 6.27 -12.72
C SER A 765 2.38 4.96 -12.98
N PHE A 766 3.05 4.14 -13.76
CA PHE A 766 2.57 2.78 -13.93
CA PHE A 766 2.56 2.80 -14.06
C PHE A 766 3.76 1.82 -14.06
N ILE A 767 3.46 0.56 -13.78
CA ILE A 767 4.44 -0.51 -13.96
C ILE A 767 3.69 -1.53 -14.84
N LEU A 768 3.90 -1.52 -16.15
CA LEU A 768 3.10 -2.39 -17.03
C LEU A 768 3.78 -3.72 -17.19
N PRO A 769 3.02 -4.83 -17.06
CA PRO A 769 3.63 -6.17 -17.23
C PRO A 769 4.01 -6.38 -18.68
N HIS A 770 5.21 -6.88 -18.91
CA HIS A 770 5.68 -7.05 -20.27
C HIS A 770 5.29 -8.49 -20.72
N ARG A 771 4.12 -8.62 -21.29
CA ARG A 771 3.57 -9.96 -21.51
C ARG A 771 3.48 -10.26 -23.02
N PRO A 772 3.69 -11.53 -23.41
CA PRO A 772 3.67 -11.91 -24.83
C PRO A 772 2.27 -12.02 -25.39
N ASP A 773 1.25 -11.88 -24.55
CA ASP A 773 -0.11 -11.88 -25.08
C ASP A 773 -0.86 -10.81 -24.32
N ASN A 774 -2.04 -10.46 -24.82
CA ASN A 774 -2.91 -9.57 -24.09
C ASN A 774 -4.12 -10.28 -23.47
N ASP A 775 -3.91 -11.49 -22.97
CA ASP A 775 -5.01 -12.26 -22.38
C ASP A 775 -5.62 -11.57 -21.17
N GLU A 776 -4.81 -10.79 -20.45
CA GLU A 776 -5.35 -9.99 -19.34
C GLU A 776 -6.48 -9.02 -19.75
N SER A 777 -6.42 -8.50 -20.98
CA SER A 777 -7.42 -7.58 -21.46
C SER A 777 -8.46 -8.31 -22.35
N CYS A 778 -9.65 -8.56 -21.82
CA CYS A 778 -10.64 -9.33 -22.57
C CYS A 778 -11.10 -8.67 -23.87
N ASN A 779 -10.99 -7.33 -23.96
CA ASN A 779 -11.42 -6.59 -25.16
CA ASN A 779 -11.42 -6.60 -25.15
C ASN A 779 -10.29 -6.23 -26.11
N SER A 780 -9.15 -6.94 -26.02
CA SER A 780 -7.95 -6.54 -26.75
C SER A 780 -7.99 -6.75 -28.27
N SER A 781 -8.96 -7.50 -28.74
CA SER A 781 -9.12 -7.65 -30.19
C SER A 781 -9.66 -6.34 -30.79
N GLU A 782 -10.28 -5.50 -29.97
CA GLU A 782 -10.72 -4.18 -30.37
C GLU A 782 -9.58 -3.15 -30.46
N ASP A 783 -9.91 -1.94 -30.90
CA ASP A 783 -8.91 -0.88 -31.05
C ASP A 783 -8.34 -0.49 -29.68
N GLU A 784 -7.05 -0.15 -29.65
CA GLU A 784 -6.35 0.13 -28.37
C GLU A 784 -7.07 1.20 -27.53
N SER A 785 -7.83 2.10 -28.17
CA SER A 785 -8.57 3.16 -27.45
C SER A 785 -9.68 2.62 -26.56
N LYS A 786 -9.99 1.34 -26.70
CA LYS A 786 -11.06 0.71 -25.92
C LYS A 786 -10.50 -0.16 -24.79
N TRP A 787 -9.18 -0.34 -24.69
CA TRP A 787 -8.67 -1.23 -23.65
C TRP A 787 -7.28 -0.94 -23.07
N VAL A 788 -6.48 -0.12 -23.72
CA VAL A 788 -5.12 0.11 -23.23
C VAL A 788 -5.09 0.98 -21.98
N GLU A 789 -5.85 2.07 -22.00
CA GLU A 789 -5.93 2.94 -20.82
C GLU A 789 -6.47 2.21 -19.57
N GLU A 790 -7.44 1.33 -19.76
CA GLU A 790 -7.97 0.51 -18.69
C GLU A 790 -6.86 -0.39 -18.13
N LEU A 791 -6.04 -0.97 -19.00
CA LEU A 791 -4.94 -1.79 -18.53
C LEU A 791 -3.94 -0.97 -17.70
N MET A 792 -3.59 0.21 -18.21
CA MET A 792 -2.65 1.07 -17.51
C MET A 792 -3.18 1.47 -16.14
N LYS A 793 -4.49 1.69 -16.02
CA LYS A 793 -5.05 2.13 -14.77
C LYS A 793 -4.96 1.02 -13.76
N MET A 794 -5.17 -0.21 -14.20
CA MET A 794 -5.07 -1.38 -13.35
C MET A 794 -3.64 -1.54 -12.78
N HIS A 795 -2.66 -1.08 -13.53
CA HIS A 795 -1.23 -1.20 -13.18
C HIS A 795 -0.58 0.15 -12.79
N THR A 796 -1.42 1.04 -12.28
CA THR A 796 -0.96 2.25 -11.64
C THR A 796 -0.01 1.91 -10.50
N ALA A 797 0.92 2.80 -10.19
CA ALA A 797 2.00 2.50 -9.24
C ALA A 797 2.42 3.77 -8.53
N ARG A 798 3.07 3.59 -7.37
CA ARG A 798 3.76 4.69 -6.69
C ARG A 798 5.18 4.78 -7.23
N VAL A 799 5.74 5.97 -7.23
CA VAL A 799 7.14 6.12 -7.60
C VAL A 799 8.00 5.21 -6.70
N ARG A 800 7.58 5.05 -5.46
CA ARG A 800 8.39 4.29 -4.51
C ARG A 800 8.43 2.79 -4.94
N ASP A 801 7.34 2.31 -5.55
CA ASP A 801 7.28 0.93 -6.06
C ASP A 801 8.36 0.78 -7.13
N ILE A 802 8.47 1.78 -8.00
CA ILE A 802 9.45 1.76 -9.10
C ILE A 802 10.87 1.83 -8.53
N GLU A 803 11.06 2.67 -7.51
CA GLU A 803 12.35 2.73 -6.84
C GLU A 803 12.79 1.36 -6.30
N HIS A 804 11.91 0.64 -5.61
CA HIS A 804 12.33 -0.71 -5.11
C HIS A 804 12.72 -1.63 -6.28
N LEU A 805 11.96 -1.56 -7.37
CA LEU A 805 12.11 -2.41 -8.53
C LEU A 805 13.32 -2.10 -9.41
N THR A 806 13.87 -0.89 -9.27
CA THR A 806 14.93 -0.44 -10.17
C THR A 806 16.20 -0.12 -9.41
N GLY A 807 16.13 0.11 -8.11
CA GLY A 807 17.34 0.56 -7.36
C GLY A 807 17.75 1.98 -7.68
N LEU A 808 16.78 2.76 -8.16
CA LEU A 808 16.99 4.20 -8.51
C LEU A 808 16.32 5.09 -7.46
N ASP A 809 16.77 6.34 -7.34
CA ASP A 809 16.15 7.26 -6.43
C ASP A 809 15.85 8.53 -7.24
N PHE A 810 14.57 8.88 -7.34
CA PHE A 810 14.09 9.98 -8.21
C PHE A 810 13.92 11.31 -7.43
N TYR A 811 13.65 12.40 -8.15
CA TYR A 811 13.42 13.72 -7.54
C TYR A 811 14.55 14.18 -6.59
N ARG A 812 15.78 13.99 -7.01
CA ARG A 812 16.93 14.36 -6.20
C ARG A 812 17.14 15.87 -6.11
N LYS A 813 16.77 16.63 -7.14
CA LYS A 813 17.04 18.08 -7.17
C LYS A 813 15.75 18.82 -7.45
N THR A 814 14.94 19.09 -6.43
CA THR A 814 13.79 19.95 -6.63
C THR A 814 13.96 21.10 -5.64
N SER A 815 13.02 22.02 -5.65
CA SER A 815 13.10 23.09 -4.65
C SER A 815 12.19 22.75 -3.47
N ARG A 816 11.79 21.49 -3.32
CA ARG A 816 10.77 21.09 -2.34
C ARG A 816 11.41 20.42 -1.12
N SER A 817 10.74 20.46 0.03
CA SER A 817 11.30 19.81 1.17
C SER A 817 11.33 18.29 0.93
N TYR A 818 12.27 17.59 1.52
CA TYR A 818 12.44 16.17 1.26
C TYR A 818 11.22 15.36 1.74
N SER A 819 10.62 15.72 2.87
CA SER A 819 9.42 15.00 3.31
CA SER A 819 9.43 14.99 3.29
C SER A 819 8.27 15.18 2.32
N GLU A 820 8.20 16.36 1.69
CA GLU A 820 7.13 16.59 0.73
C GLU A 820 7.36 15.67 -0.48
N ILE A 821 8.62 15.54 -0.83
CA ILE A 821 8.99 14.63 -1.93
C ILE A 821 8.72 13.16 -1.55
N LEU A 822 8.96 12.77 -0.31
CA LEU A 822 8.63 11.40 0.08
C LEU A 822 7.12 11.13 0.02
N THR A 823 6.29 12.12 0.40
CA THR A 823 4.82 12.03 0.20
C THR A 823 4.47 11.85 -1.30
N LEU A 824 5.10 12.64 -2.14
CA LEU A 824 4.91 12.50 -3.60
C LEU A 824 5.27 11.09 -4.12
N LYS A 825 6.37 10.52 -3.62
CA LYS A 825 6.83 9.24 -4.08
C LYS A 825 5.90 8.11 -3.61
N THR A 826 5.14 8.33 -2.54
CA THR A 826 4.20 7.32 -2.06
C THR A 826 2.79 7.50 -2.61
N TYR A 827 2.56 8.61 -3.28
CA TYR A 827 1.28 8.83 -3.94
C TYR A 827 0.90 7.72 -4.94
N LEU A 828 -0.36 7.30 -4.90
CA LEU A 828 -0.88 6.39 -5.91
C LEU A 828 -2.09 7.02 -6.61
N HIS A 829 -2.06 7.12 -7.93
CA HIS A 829 -3.26 7.63 -8.63
C HIS A 829 -4.19 6.43 -8.83
N THR A 830 -5.36 6.44 -8.19
N THR A 830 -5.28 6.38 -8.07
CA THR A 830 -6.22 5.25 -8.15
CA THR A 830 -6.30 5.41 -8.40
C THR A 830 -7.24 5.13 -9.31
C THR A 830 -7.23 6.18 -9.31
N TYR A 831 -7.58 6.27 -9.91
N TYR A 831 -7.88 5.48 -10.21
CA TYR A 831 -8.60 6.30 -10.98
CA TYR A 831 -8.71 6.23 -11.11
C TYR A 831 -9.98 5.76 -10.55
C TYR A 831 -10.15 6.16 -10.61
N GLU A 832 -10.30 5.99 -9.28
CA GLU A 832 -11.63 5.70 -8.72
C GLU A 832 -12.37 7.04 -8.72
N SER A 833 -13.68 7.06 -8.77
CA SER A 833 -14.35 8.37 -8.65
C SER A 833 -14.31 8.90 -7.18
N GLU A 834 -15.01 10.00 -6.91
CA GLU A 834 -15.05 10.60 -5.57
C GLU A 834 -15.72 9.73 -4.50
C1 NAG B . 9.25 -4.72 2.78
C2 NAG B . 10.17 -4.99 1.60
C3 NAG B . 10.93 -6.29 1.85
C4 NAG B . 11.65 -6.28 3.20
C5 NAG B . 10.71 -5.79 4.33
C6 NAG B . 11.48 -5.58 5.66
C7 NAG B . 9.61 -4.22 -0.64
C8 NAG B . 8.81 -4.42 -1.92
N2 NAG B . 9.42 -5.11 0.35
O3 NAG B . 11.90 -6.55 0.80
O4 NAG B . 11.86 -7.63 3.57
O5 NAG B . 10.05 -4.59 3.96
O6 NAG B . 12.52 -4.66 5.38
O7 NAG B . 10.38 -3.23 -0.55
C1 NAG B . 13.20 -7.95 3.81
C2 NAG B . 13.16 -9.22 4.66
C3 NAG B . 14.62 -9.65 4.87
C4 NAG B . 15.32 -9.84 3.52
C5 NAG B . 15.19 -8.56 2.68
C6 NAG B . 15.82 -8.71 1.29
C7 NAG B . 11.23 -9.36 6.17
C8 NAG B . 10.64 -9.15 7.54
N2 NAG B . 12.51 -9.06 5.96
O3 NAG B . 14.52 -10.89 5.56
O4 NAG B . 16.69 -10.09 3.73
O5 NAG B . 13.81 -8.23 2.58
O6 NAG B . 15.13 -9.77 0.62
O7 NAG B . 10.52 -9.80 5.26
C1 BMA B . 17.00 -11.51 3.80
C2 BMA B . 18.36 -11.72 3.15
C3 BMA B . 18.89 -13.14 3.40
C4 BMA B . 18.81 -13.53 4.88
C5 BMA B . 17.42 -13.30 5.45
C6 BMA B . 17.37 -13.48 6.97
O2 BMA B . 19.24 -10.73 3.67
O3 BMA B . 20.24 -13.24 2.97
O4 BMA B . 19.15 -14.88 5.02
O5 BMA B . 16.97 -11.97 5.15
O6 BMA B . 16.00 -13.44 7.25
C1 MAN B . 15.58 -13.84 8.58
C2 MAN B . 14.06 -14.17 8.52
C3 MAN B . 13.21 -12.89 8.37
C4 MAN B . 13.62 -11.86 9.44
C5 MAN B . 15.14 -11.63 9.43
C6 MAN B . 15.61 -10.61 10.48
O2 MAN B . 13.61 -14.93 9.64
O3 MAN B . 11.79 -13.10 8.42
O4 MAN B . 12.95 -10.66 9.21
O5 MAN B . 15.85 -12.87 9.58
O6 MAN B . 15.09 -10.85 11.78
C1 MAN B . 11.24 -13.67 7.20
C2 MAN B . 9.79 -13.17 6.93
C3 MAN B . 8.85 -13.68 8.04
C4 MAN B . 8.98 -15.20 8.19
C5 MAN B . 10.45 -15.71 8.21
C6 MAN B . 10.53 -17.23 8.08
O2 MAN B . 9.31 -13.74 5.72
O3 MAN B . 7.48 -13.42 7.73
O4 MAN B . 8.24 -15.62 9.32
O5 MAN B . 11.26 -15.10 7.18
O6 MAN B . 10.51 -17.59 6.71
C1 MAN B . 9.47 -12.91 4.54
C2 MAN B . 8.55 -13.50 3.46
C3 MAN B . 9.16 -14.75 2.85
C4 MAN B . 10.59 -14.43 2.37
C5 MAN B . 11.47 -13.90 3.53
C6 MAN B . 12.93 -13.60 3.09
O2 MAN B . 8.39 -12.60 2.38
O3 MAN B . 8.33 -15.09 1.77
O4 MAN B . 11.20 -15.58 1.78
O5 MAN B . 10.84 -12.76 4.11
O6 MAN B . 13.81 -13.20 4.15
C1 MAN B . 20.42 -13.96 1.72
C2 MAN B . 21.69 -14.83 1.86
C3 MAN B . 22.94 -13.96 1.91
C4 MAN B . 22.97 -13.16 0.61
C5 MAN B . 21.70 -12.30 0.61
C6 MAN B . 21.71 -11.18 -0.46
O2 MAN B . 21.84 -15.66 0.73
O3 MAN B . 24.08 -14.77 2.04
O4 MAN B . 24.15 -12.39 0.58
O5 MAN B . 20.52 -13.12 0.57
O6 MAN B . 22.40 -10.05 0.08
C1 MAN B . 21.92 -17.02 1.15
C2 MAN B . 22.90 -17.74 0.19
C3 MAN B . 22.24 -18.06 -1.17
C4 MAN B . 20.73 -18.40 -1.08
C5 MAN B . 20.00 -17.49 -0.09
C6 MAN B . 18.49 -17.69 0.00
O2 MAN B . 23.45 -18.88 0.83
O3 MAN B . 22.90 -19.11 -1.82
O4 MAN B . 20.14 -18.32 -2.37
O5 MAN B . 20.63 -17.61 1.18
O6 MAN B . 18.20 -18.82 0.80
C10 Y1K C . -5.57 -4.62 16.86
C11 Y1K C . -5.25 -6.00 16.82
O12 Y1K C . -6.16 -7.00 17.16
C13 Y1K C . -7.41 -6.50 17.65
C16 Y1K C . -9.72 -9.44 17.71
C20 Y1K C . -8.73 -8.52 15.58
C21 Y1K C . -4.29 -8.78 15.56
C23 Y1K C . -3.94 -10.19 15.54
C24 Y1K C . -3.01 -10.64 16.48
C25 Y1K C . -1.59 -10.13 18.55
C27 Y1K C . -0.17 -11.56 17.04
C28 Y1K C . 0.91 -12.67 17.08
C1 Y1K C . -2.46 -9.71 17.41
C2 Y1K C . -2.81 -8.36 17.37
C3 Y1K C . -3.70 -7.88 16.45
C4 Y1K C . -4.01 -6.46 16.40
C5 Y1K C . -3.05 -5.55 15.97
C6 Y1K C . -3.38 -4.20 16.00
CL7 Y1K C . -2.18 -3.08 15.46
C8 Y1K C . -4.62 -3.72 16.45
C9 Y1K C . -4.93 -2.25 16.56
C14 Y1K C . -8.33 -7.68 17.99
N15 Y1K C . -8.90 -8.54 17.02
N17 Y1K C . -9.60 -9.06 19.04
N18 Y1K C . -8.75 -8.01 19.20
O19 Y1K C . -10.34 -10.35 17.26
F22 Y1K C . -5.19 -8.32 14.69
N26 Y1K C . -0.56 -11.01 18.38
N29 Y1K C . 0.56 -13.56 18.22
C30 Y1K C . 0.64 -12.91 19.46
C31 Y1K C . 0.21 -11.45 19.56
O32 Y1K C . 1.06 -13.43 20.46
C33 Y1K C . 1.04 -14.97 18.09
O34 Y1K C . -1.74 -9.62 19.69
CL CL D . -8.29 -15.09 2.63
C ACT E . -12.69 -4.11 -8.97
O ACT E . -12.09 -3.08 -9.38
OXT ACT E . -13.94 -4.24 -9.00
CH3 ACT E . -11.89 -5.26 -8.42
K K F . 11.70 -10.95 -33.75
CA CA G . -12.07 -6.78 9.71
ZN ZN H . -15.59 -8.67 7.99
NA NA I . -7.22 -10.28 -24.86
CA CA J . 13.51 -9.33 -7.84
#